data_3JQF
#
_entry.id   3JQF
#
_cell.length_a   74.549
_cell.length_b   90.241
_cell.length_c   82.407
_cell.angle_alpha   90.000
_cell.angle_beta   115.570
_cell.angle_gamma   90.000
#
_symmetry.space_group_name_H-M   'P 1 21 1'
#
loop_
_entity.id
_entity.type
_entity.pdbx_description
1 polymer 'Pteridine reductase 1'
2 polymer 'Pteridine reductase 1'
3 non-polymer 'NADP NICOTINAMIDE-ADENINE-DINUCLEOTIDE PHOSPHATE'
4 non-polymer 1,3,5-triazine-2,4,6-triamine
5 non-polymer 2,3-DIHYDROXY-1,4-DITHIOBUTANE
6 non-polymer (4S,5S)-1,2-DITHIANE-4,5-DIOL
7 non-polymer 'ACETATE ION'
8 non-polymer GLYCEROL
9 water water
#
loop_
_entity_poly.entity_id
_entity_poly.type
_entity_poly.pdbx_seq_one_letter_code
_entity_poly.pdbx_strand_id
1 'polypeptide(L)'
;MGSSHHHHHHSSGLVPRGSHMEAPAAVVTGAAKRIGRAIAVKLHQTGYRVVIHYHNSAEAAVSLADELNKERSNTAVVCQ
ADLTNSNVLPASCEEIINSCFRAFGRCDVLVNNASAFYPTPLVQGDHEDNSNGKTVETQVAELIGTNAIAPFLLTMSFAQ
RQKGTNPNCTSSNLSIVNLCDAMVDQPCMAFSLYNMGKHALVGLTQSAALELAPYGIRVNGVAPGVSLLPVAMGEEEKDK
WRRKVPLGRREASAEQIADAVIFLVSGSAQYITGSIIKVDGGLSLVHA
;
A,B,D
2 'polypeptide(L)'
;MGSSHHHHHHSSGLVPRGSHMEAPAAVVTGAAKRIGRAIAVKLHQTGYRVVIHYHNSAEAAVSLADELNKERSNTAVV
(CSX)QADLTNSNVLPASCEEIINSCFRAFGRCDVLVNNASAFYPTPLVQGDHEDNSNGKTVETQVAELIGTNAIAPFLL
TMSFAQRQKGTNPNCTSSNLSIVNLCDAMVDQPCMAFSLYNMGKHALVGLTQSAALELAPYGIRVNGVAPGVSLLPVAMG
EEEKDKWRRKVPLGRREASAEQIADAVIFLVSGSAQYITGSIIKVDGGLSLVHA
;
C
#
# COMPACT_ATOMS: atom_id res chain seq x y z
N GLU A 22 -9.87 -1.32 -39.58
CA GLU A 22 -8.65 -2.18 -39.60
C GLU A 22 -8.26 -2.73 -38.21
N ALA A 23 -7.66 -3.90 -38.20
CA ALA A 23 -7.44 -4.63 -36.95
C ALA A 23 -6.21 -4.13 -36.21
N PRO A 24 -6.36 -3.94 -34.89
CA PRO A 24 -5.20 -3.53 -34.06
C PRO A 24 -4.21 -4.70 -33.93
N ALA A 25 -3.01 -4.43 -33.39
CA ALA A 25 -1.96 -5.44 -33.26
C ALA A 25 -1.34 -5.37 -31.87
N ALA A 26 -0.98 -6.54 -31.35
CA ALA A 26 -0.43 -6.64 -29.98
C ALA A 26 0.86 -7.44 -29.98
N VAL A 27 1.80 -7.04 -29.12
CA VAL A 27 2.95 -7.88 -28.82
C VAL A 27 2.70 -8.55 -27.44
N VAL A 28 2.83 -9.87 -27.37
CA VAL A 28 2.83 -10.58 -26.09
C VAL A 28 4.18 -11.30 -25.90
N THR A 29 4.91 -10.92 -24.86
CA THR A 29 6.19 -11.60 -24.64
C THR A 29 5.97 -12.94 -23.90
N GLY A 30 6.82 -13.91 -24.16
CA GLY A 30 6.70 -15.23 -23.54
C GLY A 30 5.35 -15.89 -23.80
N ALA A 31 4.91 -15.82 -25.04
CA ALA A 31 3.54 -16.18 -25.40
C ALA A 31 3.38 -17.61 -25.96
N ALA A 32 4.44 -18.41 -25.95
CA ALA A 32 4.32 -19.77 -26.53
C ALA A 32 3.39 -20.71 -25.76
N LYS A 33 3.33 -20.51 -24.43
CA LYS A 33 2.56 -21.42 -23.58
CA LYS A 33 2.68 -21.44 -23.50
C LYS A 33 1.96 -20.72 -22.36
N ARG A 34 1.21 -21.50 -21.57
CA ARG A 34 0.73 -21.06 -20.28
C ARG A 34 0.01 -19.71 -20.38
N ILE A 35 0.34 -18.77 -19.48
CA ILE A 35 -0.45 -17.52 -19.39
C ILE A 35 -0.25 -16.65 -20.65
N GLY A 36 0.99 -16.56 -21.12
CA GLY A 36 1.26 -15.77 -22.33
C GLY A 36 0.42 -16.24 -23.52
N ARG A 37 0.34 -17.54 -23.71
CA ARG A 37 -0.47 -18.08 -24.82
C ARG A 37 -1.94 -17.73 -24.60
N ALA A 38 -2.43 -17.90 -23.38
CA ALA A 38 -3.85 -17.57 -23.09
C ALA A 38 -4.19 -16.11 -23.44
N ILE A 39 -3.25 -15.22 -23.11
CA ILE A 39 -3.40 -13.80 -23.42
C ILE A 39 -3.39 -13.59 -24.95
N ALA A 40 -2.42 -14.20 -25.66
CA ALA A 40 -2.35 -14.07 -27.10
C ALA A 40 -3.63 -14.58 -27.76
N VAL A 41 -4.11 -15.75 -27.31
CA VAL A 41 -5.33 -16.34 -27.84
C VAL A 41 -6.52 -15.43 -27.62
N LYS A 42 -6.66 -14.91 -26.40
CA LYS A 42 -7.81 -14.01 -26.10
C LYS A 42 -7.79 -12.68 -26.87
N LEU A 43 -6.60 -12.10 -26.98
CA LEU A 43 -6.42 -10.92 -27.83
C LEU A 43 -6.84 -11.25 -29.28
N HIS A 44 -6.35 -12.37 -29.79
CA HIS A 44 -6.67 -12.81 -31.14
C HIS A 44 -8.19 -12.98 -31.33
N GLN A 45 -8.83 -13.64 -30.36
CA GLN A 45 -10.29 -13.86 -30.40
C GLN A 45 -11.08 -12.53 -30.34
N THR A 46 -10.48 -11.52 -29.73
CA THR A 46 -11.05 -10.16 -29.64
C THR A 46 -10.83 -9.38 -30.94
N GLY A 47 -10.00 -9.90 -31.84
CA GLY A 47 -9.78 -9.23 -33.12
C GLY A 47 -8.38 -8.69 -33.37
N TYR A 48 -7.48 -8.88 -32.40
CA TYR A 48 -6.10 -8.43 -32.57
C TYR A 48 -5.30 -9.34 -33.51
N ARG A 49 -4.37 -8.74 -34.25
CA ARG A 49 -3.24 -9.48 -34.80
C ARG A 49 -2.17 -9.52 -33.71
N VAL A 50 -1.39 -10.60 -33.66
CA VAL A 50 -0.48 -10.80 -32.51
C VAL A 50 0.95 -11.21 -32.93
N VAL A 51 1.94 -10.64 -32.21
CA VAL A 51 3.31 -11.12 -32.25
C VAL A 51 3.50 -12.05 -31.05
N ILE A 52 3.75 -13.31 -31.34
CA ILE A 52 4.02 -14.29 -30.30
CA ILE A 52 4.03 -14.31 -30.32
C ILE A 52 5.53 -14.30 -30.05
N HIS A 53 5.96 -13.52 -29.04
CA HIS A 53 7.38 -13.58 -28.71
C HIS A 53 7.68 -14.85 -27.89
N TYR A 54 8.87 -15.41 -28.11
CA TYR A 54 9.30 -16.57 -27.35
C TYR A 54 10.83 -16.57 -27.23
N HIS A 55 11.33 -17.43 -26.36
CA HIS A 55 12.77 -17.49 -26.21
C HIS A 55 13.26 -18.89 -26.63
N ASN A 56 12.96 -19.91 -25.81
CA ASN A 56 13.35 -21.30 -26.08
C ASN A 56 12.26 -22.17 -26.73
N SER A 57 10.99 -21.78 -26.55
CA SER A 57 9.85 -22.64 -26.95
C SER A 57 9.40 -22.41 -28.39
N ALA A 58 10.31 -22.68 -29.33
CA ALA A 58 10.06 -22.44 -30.75
C ALA A 58 8.93 -23.28 -31.34
N GLU A 59 8.90 -24.56 -30.98
CA GLU A 59 7.89 -25.46 -31.52
C GLU A 59 6.50 -24.98 -31.07
N ALA A 60 6.38 -24.72 -29.75
CA ALA A 60 5.12 -24.27 -29.16
C ALA A 60 4.67 -22.92 -29.75
N ALA A 61 5.61 -21.97 -29.93
CA ALA A 61 5.32 -20.65 -30.54
C ALA A 61 4.76 -20.79 -31.97
N VAL A 62 5.49 -21.51 -32.81
CA VAL A 62 5.07 -21.74 -34.20
C VAL A 62 3.73 -22.49 -34.29
N SER A 63 3.52 -23.47 -33.41
CA SER A 63 2.25 -24.19 -33.38
C SER A 63 1.06 -23.26 -33.04
N LEU A 64 1.28 -22.39 -32.08
CA LEU A 64 0.26 -21.40 -31.72
C LEU A 64 -0.03 -20.48 -32.92
N ALA A 65 1.02 -19.93 -33.53
CA ALA A 65 0.88 -19.02 -34.67
C ALA A 65 0.12 -19.70 -35.81
N ASP A 66 0.53 -20.93 -36.13
CA ASP A 66 -0.20 -21.77 -37.12
C ASP A 66 -1.69 -21.85 -36.83
N GLU A 67 -2.05 -22.20 -35.60
CA GLU A 67 -3.47 -22.25 -35.19
C GLU A 67 -4.20 -20.92 -35.40
N LEU A 68 -3.59 -19.83 -34.95
CA LEU A 68 -4.21 -18.49 -35.10
C LEU A 68 -4.36 -18.08 -36.56
N ASN A 69 -3.35 -18.37 -37.37
CA ASN A 69 -3.40 -18.09 -38.80
C ASN A 69 -4.44 -18.96 -39.55
N LYS A 70 -4.67 -20.18 -39.08
CA LYS A 70 -5.72 -21.05 -39.65
C LYS A 70 -7.10 -20.48 -39.33
N GLU A 71 -7.22 -19.80 -38.18
CA GLU A 71 -8.45 -19.10 -37.83
C GLU A 71 -8.66 -17.85 -38.71
N ARG A 72 -7.64 -16.99 -38.80
CA ARG A 72 -7.65 -15.83 -39.69
C ARG A 72 -6.26 -15.72 -40.31
N SER A 73 -6.19 -15.86 -41.63
CA SER A 73 -4.91 -15.77 -42.37
C SER A 73 -4.11 -14.48 -42.05
N ASN A 74 -2.79 -14.64 -41.91
CA ASN A 74 -1.89 -13.48 -41.74
C ASN A 74 -2.16 -12.60 -40.51
N THR A 75 -2.55 -13.23 -39.41
CA THR A 75 -2.84 -12.43 -38.20
C THR A 75 -1.91 -12.79 -37.02
N ALA A 76 -0.90 -13.63 -37.25
CA ALA A 76 0.02 -14.04 -36.18
C ALA A 76 1.42 -14.30 -36.72
N VAL A 77 2.41 -13.73 -36.06
CA VAL A 77 3.81 -14.03 -36.37
C VAL A 77 4.52 -14.38 -35.08
N VAL A 78 5.64 -15.08 -35.16
CA VAL A 78 6.49 -15.34 -33.98
C VAL A 78 7.70 -14.39 -33.98
N CYS A 79 8.30 -14.18 -32.81
CA CYS A 79 9.51 -13.36 -32.75
C CYS A 79 10.39 -13.86 -31.61
N GLN A 80 11.58 -14.39 -31.95
CA GLN A 80 12.45 -14.98 -30.92
C GLN A 80 13.37 -13.89 -30.36
N ALA A 81 13.49 -13.89 -29.04
CA ALA A 81 14.50 -13.06 -28.36
C ALA A 81 14.75 -13.52 -26.92
N ASP A 82 16.03 -13.49 -26.52
CA ASP A 82 16.40 -13.63 -25.13
C ASP A 82 16.21 -12.25 -24.48
N LEU A 83 15.51 -12.22 -23.35
CA LEU A 83 15.27 -10.98 -22.63
C LEU A 83 16.11 -10.81 -21.37
N THR A 84 17.11 -11.70 -21.23
CA THR A 84 18.17 -11.51 -20.22
C THR A 84 18.81 -10.13 -20.40
N ASN A 85 19.11 -9.45 -19.29
CA ASN A 85 19.79 -8.17 -19.39
C ASN A 85 21.19 -8.35 -20.04
N SER A 86 21.57 -7.38 -20.88
CA SER A 86 22.89 -7.36 -21.54
C SER A 86 23.00 -6.01 -22.27
N ASN A 87 24.17 -5.70 -22.82
CA ASN A 87 24.30 -4.46 -23.57
C ASN A 87 23.52 -4.45 -24.90
N VAL A 88 23.08 -5.63 -25.36
CA VAL A 88 22.27 -5.70 -26.59
CA VAL A 88 22.28 -5.73 -26.59
C VAL A 88 20.75 -5.81 -26.34
N LEU A 89 20.37 -6.00 -25.07
CA LEU A 89 18.93 -6.09 -24.75
C LEU A 89 18.13 -4.91 -25.35
N PRO A 90 18.65 -3.66 -25.26
CA PRO A 90 17.87 -2.57 -25.94
C PRO A 90 17.58 -2.82 -27.41
N ALA A 91 18.59 -3.30 -28.16
CA ALA A 91 18.37 -3.61 -29.58
C ALA A 91 17.35 -4.76 -29.76
N SER A 92 17.47 -5.79 -28.92
CA SER A 92 16.51 -6.92 -28.99
C SER A 92 15.05 -6.46 -28.78
N CYS A 93 14.85 -5.57 -27.79
CA CYS A 93 13.51 -5.05 -27.44
C CYS A 93 13.02 -4.13 -28.55
N GLU A 94 13.92 -3.31 -29.09
CA GLU A 94 13.59 -2.48 -30.27
C GLU A 94 13.07 -3.36 -31.41
N GLU A 95 13.79 -4.46 -31.65
CA GLU A 95 13.45 -5.40 -32.71
C GLU A 95 12.11 -6.11 -32.51
N ILE A 96 11.77 -6.43 -31.27
CA ILE A 96 10.45 -7.06 -30.98
C ILE A 96 9.35 -6.09 -31.40
N ILE A 97 9.47 -4.81 -30.99
CA ILE A 97 8.45 -3.82 -31.43
C ILE A 97 8.47 -3.64 -32.96
N ASN A 98 9.68 -3.50 -33.55
CA ASN A 98 9.79 -3.44 -35.01
C ASN A 98 9.10 -4.61 -35.71
N SER A 99 9.15 -5.82 -35.12
CA SER A 99 8.53 -7.00 -35.76
CA SER A 99 8.53 -6.98 -35.79
C SER A 99 7.01 -6.83 -35.93
N CYS A 100 6.39 -6.19 -34.94
CA CYS A 100 4.96 -5.93 -35.00
C CYS A 100 4.63 -4.93 -36.11
N PHE A 101 5.39 -3.82 -36.18
CA PHE A 101 5.20 -2.86 -37.30
C PHE A 101 5.51 -3.47 -38.68
N ARG A 102 6.52 -4.33 -38.74
CA ARG A 102 6.90 -4.97 -39.99
C ARG A 102 5.75 -5.88 -40.47
N ALA A 103 5.17 -6.66 -39.56
CA ALA A 103 4.13 -7.63 -39.90
C ALA A 103 2.78 -6.95 -40.13
N PHE A 104 2.47 -5.95 -39.28
CA PHE A 104 1.09 -5.46 -39.15
C PHE A 104 0.88 -3.95 -39.35
N GLY A 105 1.96 -3.20 -39.46
CA GLY A 105 1.89 -1.77 -39.80
C GLY A 105 1.53 -0.86 -38.65
N ARG A 106 1.45 -1.44 -37.45
CA ARG A 106 1.05 -0.73 -36.23
C ARG A 106 1.32 -1.64 -35.01
N CYS A 107 1.30 -1.04 -33.83
CA CYS A 107 1.44 -1.79 -32.57
C CYS A 107 0.67 -1.02 -31.52
N ASP A 108 -0.49 -1.56 -31.17
CA ASP A 108 -1.44 -0.87 -30.29
C ASP A 108 -1.30 -1.27 -28.83
N VAL A 109 -0.88 -2.52 -28.59
CA VAL A 109 -0.78 -3.11 -27.25
C VAL A 109 0.53 -3.87 -27.06
N LEU A 110 1.13 -3.71 -25.87
CA LEU A 110 2.29 -4.50 -25.45
C LEU A 110 1.92 -5.19 -24.14
N VAL A 111 2.12 -6.50 -24.05
CA VAL A 111 1.89 -7.23 -22.80
C VAL A 111 3.23 -7.81 -22.36
N ASN A 112 3.69 -7.38 -21.18
CA ASN A 112 4.98 -7.81 -20.68
C ASN A 112 4.71 -8.99 -19.76
N ASN A 113 4.77 -10.20 -20.34
CA ASN A 113 4.45 -11.48 -19.66
C ASN A 113 5.69 -12.38 -19.37
N ALA A 114 6.68 -12.36 -20.27
CA ALA A 114 7.85 -13.25 -20.13
C ALA A 114 8.52 -13.00 -18.79
N SER A 115 8.97 -14.09 -18.15
CA SER A 115 9.48 -13.94 -16.81
C SER A 115 10.26 -15.16 -16.37
N ALA A 116 11.51 -14.94 -15.92
CA ALA A 116 12.27 -15.99 -15.20
C ALA A 116 11.84 -15.99 -13.74
N PHE A 117 11.83 -17.19 -13.17
CA PHE A 117 11.28 -17.41 -11.84
C PHE A 117 12.00 -18.61 -11.21
N TYR A 118 12.87 -18.34 -10.24
CA TYR A 118 13.61 -19.42 -9.54
C TYR A 118 14.28 -18.81 -8.31
N PRO A 119 14.58 -19.65 -7.30
CA PRO A 119 15.19 -19.11 -6.04
C PRO A 119 16.61 -18.61 -6.25
N THR A 120 16.95 -17.61 -5.45
CA THR A 120 18.30 -17.06 -5.35
C THR A 120 18.58 -16.84 -3.85
N PRO A 121 18.86 -17.93 -3.13
CA PRO A 121 19.07 -17.78 -1.68
C PRO A 121 20.18 -16.78 -1.32
N LEU A 122 19.96 -16.00 -0.26
CA LEU A 122 20.99 -15.08 0.24
C LEU A 122 22.14 -15.78 0.97
N VAL A 123 21.84 -16.90 1.60
CA VAL A 123 22.85 -17.68 2.33
C VAL A 123 22.82 -19.13 1.83
N GLY A 133 23.71 -24.03 -11.64
CA GLY A 133 25.12 -23.66 -11.60
C GLY A 133 25.39 -22.27 -12.16
N LYS A 134 24.37 -21.42 -12.10
CA LYS A 134 24.49 -20.04 -12.62
C LYS A 134 25.29 -19.12 -11.70
N THR A 135 26.08 -18.22 -12.28
CA THR A 135 26.78 -17.19 -11.51
C THR A 135 25.70 -16.24 -11.01
N VAL A 136 25.99 -15.48 -9.95
CA VAL A 136 25.04 -14.50 -9.44
C VAL A 136 24.78 -13.38 -10.50
N GLU A 137 25.81 -13.01 -11.28
CA GLU A 137 25.71 -12.06 -12.39
C GLU A 137 24.62 -12.52 -13.36
N THR A 138 24.64 -13.82 -13.66
CA THR A 138 23.66 -14.39 -14.59
C THR A 138 22.24 -14.36 -14.01
N GLN A 139 22.12 -14.72 -12.74
CA GLN A 139 20.81 -14.67 -12.07
C GLN A 139 20.23 -13.25 -12.03
N VAL A 140 21.06 -12.28 -11.67
CA VAL A 140 20.64 -10.86 -11.72
C VAL A 140 20.18 -10.53 -13.16
N ALA A 141 20.98 -10.93 -14.15
CA ALA A 141 20.66 -10.53 -15.53
C ALA A 141 19.33 -11.16 -16.00
N GLU A 142 19.11 -12.43 -15.61
CA GLU A 142 17.90 -13.12 -16.05
C GLU A 142 16.68 -12.63 -15.26
N LEU A 143 16.79 -12.55 -13.93
CA LEU A 143 15.58 -12.30 -13.10
C LEU A 143 15.20 -10.81 -13.16
N ILE A 144 16.19 -9.93 -13.10
CA ILE A 144 15.88 -8.51 -13.24
C ILE A 144 15.67 -8.11 -14.71
N GLY A 145 16.40 -8.75 -15.65
CA GLY A 145 16.18 -8.47 -17.07
C GLY A 145 14.78 -8.83 -17.54
N THR A 146 14.36 -10.06 -17.28
CA THR A 146 13.05 -10.49 -17.80
C THR A 146 11.89 -9.74 -17.09
N ASN A 147 12.00 -9.59 -15.77
CA ASN A 147 10.89 -9.03 -15.00
C ASN A 147 10.79 -7.50 -14.99
N ALA A 148 11.91 -6.81 -15.27
CA ALA A 148 11.93 -5.35 -15.15
C ALA A 148 12.62 -4.58 -16.30
N ILE A 149 13.85 -4.97 -16.66
CA ILE A 149 14.59 -4.15 -17.62
CA ILE A 149 14.64 -4.21 -17.63
C ILE A 149 14.03 -4.36 -19.02
N ALA A 150 13.72 -5.59 -19.41
CA ALA A 150 13.13 -5.81 -20.73
C ALA A 150 11.77 -5.08 -20.80
N PRO A 151 10.87 -5.26 -19.79
CA PRO A 151 9.65 -4.41 -19.87
C PRO A 151 9.92 -2.90 -20.04
N PHE A 152 10.94 -2.37 -19.36
CA PHE A 152 11.30 -0.96 -19.49
C PHE A 152 11.74 -0.59 -20.92
N LEU A 153 12.63 -1.39 -21.49
CA LEU A 153 13.12 -1.15 -22.84
C LEU A 153 12.01 -1.29 -23.89
N LEU A 154 11.19 -2.34 -23.72
CA LEU A 154 10.08 -2.62 -24.63
C LEU A 154 9.10 -1.40 -24.56
N THR A 155 8.91 -0.88 -23.35
CA THR A 155 8.07 0.32 -23.12
C THR A 155 8.66 1.54 -23.87
N MET A 156 9.97 1.78 -23.71
CA MET A 156 10.63 2.85 -24.50
C MET A 156 10.40 2.70 -26.01
N SER A 157 10.72 1.53 -26.55
CA SER A 157 10.57 1.27 -27.99
C SER A 157 9.11 1.39 -28.47
N PHE A 158 8.18 0.88 -27.66
CA PHE A 158 6.75 0.95 -27.96
C PHE A 158 6.32 2.42 -28.08
N ALA A 159 6.74 3.23 -27.11
CA ALA A 159 6.40 4.68 -27.08
C ALA A 159 7.08 5.43 -28.24
N GLN A 160 8.38 5.15 -28.46
CA GLN A 160 9.13 5.90 -29.48
C GLN A 160 8.61 5.66 -30.89
N ARG A 161 8.14 4.44 -31.14
CA ARG A 161 7.54 4.06 -32.41
C ARG A 161 6.19 4.73 -32.65
N GLN A 162 5.50 5.15 -31.58
CA GLN A 162 4.13 5.73 -31.74
C GLN A 162 4.17 7.13 -32.31
N SER A 172 -7.84 5.36 -31.77
CA SER A 172 -6.67 4.63 -31.22
C SER A 172 -6.83 4.40 -29.70
N ASN A 173 -6.44 3.21 -29.27
CA ASN A 173 -6.50 2.87 -27.87
C ASN A 173 -5.22 2.12 -27.50
N LEU A 174 -4.16 2.88 -27.26
CA LEU A 174 -2.84 2.32 -27.00
C LEU A 174 -2.66 2.01 -25.52
N SER A 175 -2.18 0.83 -25.21
CA SER A 175 -1.85 0.52 -23.80
C SER A 175 -0.81 -0.59 -23.66
N ILE A 176 -0.23 -0.59 -22.47
CA ILE A 176 0.72 -1.60 -22.06
C ILE A 176 0.14 -2.30 -20.82
N VAL A 177 0.26 -3.62 -20.78
CA VAL A 177 -0.14 -4.38 -19.57
C VAL A 177 1.03 -5.21 -19.09
N ASN A 178 1.41 -4.99 -17.82
CA ASN A 178 2.53 -5.68 -17.17
C ASN A 178 2.03 -6.82 -16.27
N LEU A 179 2.56 -8.03 -16.44
CA LEU A 179 2.17 -9.16 -15.58
C LEU A 179 3.01 -9.05 -14.33
N CYS A 180 2.33 -8.70 -13.24
CA CYS A 180 2.93 -8.41 -11.95
C CYS A 180 2.77 -9.66 -11.04
N ASP A 181 2.63 -9.44 -9.73
CA ASP A 181 2.56 -10.61 -8.82
C ASP A 181 1.88 -10.10 -7.52
N ALA A 182 0.74 -10.70 -7.18
CA ALA A 182 -0.06 -10.26 -6.01
C ALA A 182 0.66 -10.51 -4.68
N MET A 183 1.69 -11.34 -4.72
CA MET A 183 2.39 -11.77 -3.49
C MET A 183 3.71 -11.02 -3.23
N VAL A 184 3.88 -9.89 -3.91
CA VAL A 184 5.16 -9.13 -3.80
C VAL A 184 5.47 -8.75 -2.36
N ASP A 185 4.42 -8.52 -1.56
CA ASP A 185 4.65 -8.04 -0.19
C ASP A 185 4.66 -9.18 0.80
N GLN A 186 4.38 -10.38 0.32
CA GLN A 186 4.44 -11.59 1.16
C GLN A 186 5.18 -12.65 0.33
N PRO A 187 6.45 -12.38 0.02
CA PRO A 187 7.11 -13.12 -1.06
C PRO A 187 7.49 -14.60 -0.71
N CYS A 188 7.74 -15.39 -1.74
CA CYS A 188 8.34 -16.74 -1.58
C CYS A 188 9.71 -16.61 -0.90
N MET A 189 9.92 -17.47 0.09
CA MET A 189 11.20 -17.54 0.79
C MET A 189 12.35 -17.82 -0.20
N ALA A 190 13.45 -17.06 -0.09
CA ALA A 190 14.66 -17.25 -0.96
C ALA A 190 14.52 -16.83 -2.45
N PHE A 191 13.50 -16.03 -2.75
CA PHE A 191 13.25 -15.50 -4.10
C PHE A 191 13.57 -14.00 -4.17
N SER A 192 14.62 -13.56 -3.50
CA SER A 192 14.86 -12.10 -3.45
CA SER A 192 14.94 -12.11 -3.45
C SER A 192 14.97 -11.42 -4.82
N LEU A 193 15.75 -11.98 -5.75
CA LEU A 193 15.94 -11.30 -7.05
C LEU A 193 14.66 -11.25 -7.89
N TYR A 194 13.92 -12.37 -7.87
CA TYR A 194 12.62 -12.44 -8.52
C TYR A 194 11.73 -11.36 -7.89
N ASN A 195 11.67 -11.33 -6.56
CA ASN A 195 10.82 -10.29 -5.89
C ASN A 195 11.21 -8.83 -6.21
N MET A 196 12.54 -8.58 -6.20
CA MET A 196 13.07 -7.30 -6.62
C MET A 196 12.60 -6.90 -8.03
N GLY A 197 12.68 -7.84 -8.96
CA GLY A 197 12.23 -7.64 -10.34
C GLY A 197 10.77 -7.26 -10.44
N LYS A 198 9.90 -8.04 -9.77
CA LYS A 198 8.46 -7.72 -9.77
C LYS A 198 8.16 -6.39 -9.07
N HIS A 199 8.88 -6.08 -7.98
CA HIS A 199 8.73 -4.73 -7.39
C HIS A 199 9.13 -3.63 -8.38
N ALA A 200 10.25 -3.84 -9.09
CA ALA A 200 10.71 -2.80 -10.07
C ALA A 200 9.65 -2.63 -11.17
N LEU A 201 8.96 -3.77 -11.49
CA LEU A 201 7.90 -3.75 -12.52
C LEU A 201 6.66 -2.92 -12.05
N VAL A 202 6.35 -2.96 -10.75
CA VAL A 202 5.32 -2.05 -10.19
C VAL A 202 5.76 -0.58 -10.39
N GLY A 203 7.02 -0.29 -10.01
CA GLY A 203 7.61 1.03 -10.22
C GLY A 203 7.52 1.49 -11.67
N LEU A 204 7.87 0.60 -12.60
CA LEU A 204 7.76 0.94 -14.03
C LEU A 204 6.33 1.24 -14.43
N THR A 205 5.41 0.43 -13.93
CA THR A 205 3.99 0.60 -14.26
C THR A 205 3.54 2.02 -13.87
N GLN A 206 3.92 2.44 -12.67
CA GLN A 206 3.57 3.78 -12.18
C GLN A 206 4.26 4.89 -12.99
N SER A 207 5.61 4.80 -13.09
CA SER A 207 6.41 5.79 -13.76
C SER A 207 6.01 5.96 -15.24
N ALA A 208 5.82 4.84 -15.91
CA ALA A 208 5.43 4.88 -17.32
C ALA A 208 3.98 5.38 -17.50
N ALA A 209 3.06 4.99 -16.60
CA ALA A 209 1.69 5.52 -16.67
C ALA A 209 1.74 7.07 -16.58
N LEU A 210 2.50 7.57 -15.62
CA LEU A 210 2.61 9.01 -15.41
C LEU A 210 3.20 9.71 -16.63
N GLU A 211 4.27 9.13 -17.18
CA GLU A 211 5.03 9.80 -18.25
C GLU A 211 4.40 9.68 -19.65
N LEU A 212 3.72 8.57 -19.91
CA LEU A 212 3.15 8.26 -21.22
C LEU A 212 1.70 8.74 -21.33
N ALA A 213 1.10 9.11 -20.20
CA ALA A 213 -0.30 9.54 -20.20
C ALA A 213 -0.53 10.70 -21.23
N PRO A 214 0.35 11.73 -21.27
CA PRO A 214 0.27 12.78 -22.34
C PRO A 214 0.25 12.27 -23.81
N TYR A 215 0.89 11.13 -24.10
CA TYR A 215 0.84 10.49 -25.43
C TYR A 215 -0.38 9.58 -25.63
N GLY A 216 -1.24 9.50 -24.62
CA GLY A 216 -2.44 8.66 -24.70
C GLY A 216 -2.14 7.17 -24.62
N ILE A 217 -1.01 6.80 -24.03
CA ILE A 217 -0.67 5.40 -23.80
C ILE A 217 -0.94 5.14 -22.32
N ARG A 218 -1.86 4.19 -22.06
CA ARG A 218 -2.16 3.75 -20.67
C ARG A 218 -1.19 2.63 -20.30
N VAL A 219 -0.86 2.53 -19.02
CA VAL A 219 0.05 1.52 -18.58
C VAL A 219 -0.50 0.92 -17.27
N ASN A 220 -0.82 -0.37 -17.30
CA ASN A 220 -1.51 -1.05 -16.17
C ASN A 220 -0.85 -2.39 -15.89
N GLY A 221 -1.27 -3.05 -14.80
CA GLY A 221 -0.78 -4.39 -14.57
C GLY A 221 -1.87 -5.34 -14.12
N VAL A 222 -1.57 -6.64 -14.23
CA VAL A 222 -2.42 -7.68 -13.71
C VAL A 222 -1.53 -8.51 -12.81
N ALA A 223 -2.00 -8.76 -11.59
CA ALA A 223 -1.16 -9.39 -10.57
C ALA A 223 -1.82 -10.71 -10.15
N PRO A 224 -1.43 -11.83 -10.79
CA PRO A 224 -1.96 -13.17 -10.39
C PRO A 224 -1.46 -13.47 -8.98
N GLY A 225 -2.21 -14.28 -8.24
CA GLY A 225 -1.71 -14.84 -6.97
C GLY A 225 -1.10 -16.21 -7.32
N VAL A 226 -1.89 -17.29 -7.19
CA VAL A 226 -1.49 -18.53 -7.82
CA VAL A 226 -1.53 -18.57 -7.78
C VAL A 226 -2.38 -18.79 -9.02
N SER A 227 -1.73 -18.94 -10.16
CA SER A 227 -2.36 -19.39 -11.37
C SER A 227 -1.68 -20.74 -11.73
N LEU A 228 -1.38 -20.93 -13.02
CA LEU A 228 -0.80 -22.23 -13.46
C LEU A 228 0.45 -22.51 -12.64
N LEU A 229 0.45 -23.60 -11.89
CA LEU A 229 1.59 -23.93 -11.06
CA LEU A 229 1.59 -23.94 -11.06
C LEU A 229 2.77 -24.39 -11.94
N PRO A 230 4.01 -24.33 -11.40
CA PRO A 230 5.12 -24.72 -12.25
C PRO A 230 5.05 -26.18 -12.69
N VAL A 231 5.50 -26.45 -13.91
CA VAL A 231 5.46 -27.82 -14.44
C VAL A 231 6.26 -28.81 -13.56
N ALA A 232 7.33 -28.31 -12.94
CA ALA A 232 8.21 -29.10 -12.05
C ALA A 232 7.59 -29.43 -10.69
N MET A 233 6.52 -28.74 -10.32
CA MET A 233 5.92 -28.91 -9.01
C MET A 233 5.12 -30.20 -8.92
N GLY A 234 5.33 -30.96 -7.82
CA GLY A 234 4.60 -32.24 -7.63
C GLY A 234 3.18 -31.89 -7.20
N GLU A 235 2.24 -32.80 -7.45
CA GLU A 235 0.83 -32.57 -7.12
C GLU A 235 0.58 -32.19 -5.64
N GLU A 236 1.31 -32.84 -4.72
CA GLU A 236 1.13 -32.56 -3.28
C GLU A 236 1.42 -31.09 -2.97
N GLU A 237 2.55 -30.63 -3.49
CA GLU A 237 2.93 -29.22 -3.36
C GLU A 237 1.93 -28.26 -4.04
N LYS A 238 1.43 -28.64 -5.22
CA LYS A 238 0.36 -27.86 -5.88
C LYS A 238 -0.87 -27.71 -4.98
N ASP A 239 -1.32 -28.87 -4.43
CA ASP A 239 -2.50 -28.83 -3.56
C ASP A 239 -2.31 -27.99 -2.30
N LYS A 240 -1.08 -27.98 -1.77
CA LYS A 240 -0.77 -27.10 -0.64
C LYS A 240 -1.11 -25.65 -1.00
N TRP A 241 -0.74 -25.23 -2.20
CA TRP A 241 -1.01 -23.86 -2.65
C TRP A 241 -2.49 -23.63 -2.91
N ARG A 242 -3.10 -24.61 -3.58
CA ARG A 242 -4.53 -24.52 -3.89
C ARG A 242 -5.38 -24.34 -2.66
N ARG A 243 -5.08 -25.13 -1.62
CA ARG A 243 -5.86 -25.09 -0.37
C ARG A 243 -5.79 -23.74 0.38
N LYS A 244 -4.82 -22.90 0.02
CA LYS A 244 -4.65 -21.56 0.64
CA LYS A 244 -4.71 -21.59 0.69
C LYS A 244 -5.64 -20.52 0.08
N VAL A 245 -6.19 -20.80 -1.11
CA VAL A 245 -6.97 -19.76 -1.86
C VAL A 245 -8.42 -19.72 -1.37
N PRO A 246 -8.84 -18.58 -0.76
CA PRO A 246 -10.22 -18.52 -0.21
C PRO A 246 -11.31 -18.78 -1.24
N LEU A 247 -11.15 -18.20 -2.44
CA LEU A 247 -12.20 -18.29 -3.45
C LEU A 247 -12.03 -19.58 -4.30
N GLY A 248 -12.58 -20.67 -3.78
CA GLY A 248 -12.62 -21.91 -4.56
C GLY A 248 -11.49 -22.88 -4.30
N ARG A 249 -10.52 -22.51 -3.44
CA ARG A 249 -9.40 -23.41 -3.11
C ARG A 249 -8.75 -24.00 -4.36
N ARG A 250 -8.53 -23.15 -5.36
CA ARG A 250 -7.94 -23.57 -6.58
C ARG A 250 -7.19 -22.43 -7.21
N GLU A 251 -6.28 -22.76 -8.12
CA GLU A 251 -5.48 -21.70 -8.80
C GLU A 251 -6.32 -21.01 -9.89
N ALA A 252 -5.97 -19.77 -10.26
CA ALA A 252 -6.59 -19.13 -11.46
C ALA A 252 -6.28 -19.91 -12.75
N SER A 253 -7.28 -20.08 -13.63
CA SER A 253 -6.96 -20.55 -14.98
C SER A 253 -6.22 -19.48 -15.74
N ALA A 254 -5.52 -19.89 -16.79
CA ALA A 254 -4.80 -18.95 -17.60
C ALA A 254 -5.81 -17.96 -18.23
N GLU A 255 -6.97 -18.48 -18.66
CA GLU A 255 -8.04 -17.67 -19.25
C GLU A 255 -8.49 -16.57 -18.25
N GLN A 256 -8.56 -16.89 -16.95
CA GLN A 256 -9.00 -15.88 -15.94
C GLN A 256 -7.99 -14.73 -15.82
N ILE A 257 -6.71 -15.05 -15.86
CA ILE A 257 -5.69 -13.98 -15.94
C ILE A 257 -5.89 -13.19 -17.23
N ALA A 258 -5.99 -13.90 -18.36
CA ALA A 258 -6.21 -13.24 -19.68
C ALA A 258 -7.42 -12.29 -19.66
N ASP A 259 -8.50 -12.68 -18.97
CA ASP A 259 -9.70 -11.82 -18.87
C ASP A 259 -9.38 -10.45 -18.35
N ALA A 260 -8.52 -10.37 -17.33
CA ALA A 260 -8.20 -9.07 -16.75
C ALA A 260 -7.36 -8.23 -17.70
N VAL A 261 -6.43 -8.88 -18.40
CA VAL A 261 -5.64 -8.21 -19.45
C VAL A 261 -6.55 -7.61 -20.52
N ILE A 262 -7.49 -8.41 -21.01
CA ILE A 262 -8.46 -7.99 -22.04
C ILE A 262 -9.28 -6.79 -21.57
N PHE A 263 -9.74 -6.85 -20.32
CA PHE A 263 -10.40 -5.68 -19.71
C PHE A 263 -9.54 -4.41 -19.84
N LEU A 264 -8.30 -4.48 -19.35
CA LEU A 264 -7.43 -3.30 -19.29
C LEU A 264 -7.07 -2.73 -20.68
N VAL A 265 -7.02 -3.59 -21.70
CA VAL A 265 -6.74 -3.06 -23.05
C VAL A 265 -7.99 -2.50 -23.74
N SER A 266 -9.17 -2.87 -23.22
CA SER A 266 -10.44 -2.54 -23.87
C SER A 266 -10.85 -1.06 -23.67
N GLY A 267 -11.87 -0.68 -24.42
CA GLY A 267 -12.48 0.65 -24.27
C GLY A 267 -13.19 0.84 -22.91
N SER A 268 -13.47 -0.27 -22.21
CA SER A 268 -14.10 -0.18 -20.88
C SER A 268 -13.10 0.27 -19.80
N ALA A 269 -11.82 0.46 -20.19
CA ALA A 269 -10.76 0.85 -19.21
C ALA A 269 -10.05 2.12 -19.69
N GLN A 270 -10.72 2.85 -20.56
CA GLN A 270 -10.05 3.99 -21.19
C GLN A 270 -9.61 5.11 -20.24
N TYR A 271 -10.14 5.16 -19.01
CA TYR A 271 -9.65 6.13 -17.99
C TYR A 271 -8.67 5.52 -16.99
N ILE A 272 -8.37 4.22 -17.14
CA ILE A 272 -7.53 3.50 -16.19
C ILE A 272 -6.07 3.50 -16.65
N THR A 273 -5.22 4.09 -15.82
CA THR A 273 -3.78 4.04 -16.06
C THR A 273 -3.07 4.05 -14.70
N GLY A 274 -1.98 3.30 -14.60
CA GLY A 274 -1.25 3.20 -13.35
C GLY A 274 -1.89 2.25 -12.33
N SER A 275 -2.87 1.46 -12.76
CA SER A 275 -3.58 0.54 -11.91
C SER A 275 -3.07 -0.90 -12.07
N ILE A 276 -3.01 -1.63 -10.95
CA ILE A 276 -2.64 -3.03 -10.95
C ILE A 276 -3.80 -3.79 -10.36
N ILE A 277 -4.40 -4.64 -11.21
CA ILE A 277 -5.55 -5.41 -10.79
C ILE A 277 -5.06 -6.77 -10.26
N LYS A 278 -5.25 -6.99 -8.98
CA LYS A 278 -5.02 -8.29 -8.38
CA LYS A 278 -5.04 -8.30 -8.36
C LYS A 278 -6.06 -9.30 -8.88
N VAL A 279 -5.59 -10.46 -9.34
CA VAL A 279 -6.48 -11.57 -9.76
C VAL A 279 -6.02 -12.80 -8.96
N ASP A 280 -6.42 -12.88 -7.68
CA ASP A 280 -5.78 -13.83 -6.79
C ASP A 280 -6.72 -14.67 -5.89
N GLY A 281 -8.02 -14.54 -6.15
CA GLY A 281 -9.04 -15.29 -5.36
C GLY A 281 -8.94 -15.10 -3.84
N GLY A 282 -8.41 -13.94 -3.42
CA GLY A 282 -8.23 -13.62 -2.01
C GLY A 282 -6.94 -14.08 -1.34
N LEU A 283 -6.05 -14.74 -2.10
CA LEU A 283 -4.87 -15.39 -1.51
C LEU A 283 -4.04 -14.42 -0.66
N SER A 284 -3.85 -13.20 -1.20
CA SER A 284 -2.97 -12.17 -0.59
C SER A 284 -3.59 -11.64 0.73
N LEU A 285 -4.88 -11.88 0.93
CA LEU A 285 -5.57 -11.45 2.16
C LEU A 285 -5.37 -12.40 3.37
N VAL A 286 -4.81 -13.59 3.12
CA VAL A 286 -4.76 -14.67 4.09
C VAL A 286 -3.48 -14.54 4.93
N HIS A 287 -3.64 -14.39 6.24
CA HIS A 287 -2.46 -14.23 7.11
C HIS A 287 -1.75 -15.62 7.24
N ALA A 288 -0.53 -15.61 7.78
CA ALA A 288 0.22 -16.83 7.98
C ALA A 288 -0.49 -17.75 8.93
N GLU B 22 -33.90 -16.69 -15.64
CA GLU B 22 -34.34 -15.52 -14.85
CA GLU B 22 -34.34 -15.53 -14.82
C GLU B 22 -33.24 -14.45 -14.82
N ALA B 23 -33.65 -13.19 -14.89
CA ALA B 23 -32.68 -12.09 -14.87
C ALA B 23 -32.12 -11.90 -13.46
N PRO B 24 -30.82 -11.64 -13.35
CA PRO B 24 -30.31 -11.38 -12.00
C PRO B 24 -30.80 -10.00 -11.48
N ALA B 25 -30.58 -9.72 -10.19
CA ALA B 25 -31.05 -8.45 -9.60
C ALA B 25 -29.91 -7.79 -8.81
N ALA B 26 -29.88 -6.46 -8.83
CA ALA B 26 -28.82 -5.66 -8.15
C ALA B 26 -29.47 -4.57 -7.30
N VAL B 27 -28.84 -4.29 -6.16
CA VAL B 27 -29.17 -3.10 -5.36
C VAL B 27 -28.02 -2.12 -5.59
N VAL B 28 -28.38 -0.87 -5.88
CA VAL B 28 -27.38 0.22 -6.02
C VAL B 28 -27.77 1.32 -5.05
N THR B 29 -26.93 1.62 -4.06
CA THR B 29 -27.31 2.70 -3.13
C THR B 29 -26.98 4.08 -3.71
N GLY B 30 -27.77 5.10 -3.34
CA GLY B 30 -27.53 6.44 -3.85
C GLY B 30 -27.55 6.46 -5.37
N ALA B 31 -28.56 5.80 -5.96
CA ALA B 31 -28.61 5.56 -7.41
C ALA B 31 -29.39 6.60 -8.23
N ALA B 32 -29.91 7.65 -7.57
CA ALA B 32 -30.75 8.61 -8.27
C ALA B 32 -29.99 9.48 -9.25
N LYS B 33 -28.71 9.78 -8.96
CA LYS B 33 -27.95 10.81 -9.69
CA LYS B 33 -28.00 10.72 -9.82
C LYS B 33 -26.53 10.32 -9.98
N ARG B 34 -25.87 11.00 -10.92
CA ARG B 34 -24.43 11.01 -11.01
C ARG B 34 -23.86 9.56 -11.14
N ILE B 35 -22.85 9.16 -10.35
CA ILE B 35 -22.23 7.86 -10.57
C ILE B 35 -23.19 6.71 -10.26
N GLY B 36 -23.97 6.80 -9.18
CA GLY B 36 -24.88 5.69 -8.83
C GLY B 36 -25.93 5.49 -9.95
N ARG B 37 -26.39 6.58 -10.58
CA ARG B 37 -27.36 6.46 -11.66
C ARG B 37 -26.72 5.75 -12.84
N ALA B 38 -25.48 6.13 -13.16
CA ALA B 38 -24.78 5.49 -14.32
C ALA B 38 -24.56 3.99 -14.07
N ILE B 39 -24.19 3.65 -12.84
CA ILE B 39 -24.08 2.25 -12.46
C ILE B 39 -25.40 1.51 -12.64
N ALA B 40 -26.47 2.08 -12.12
CA ALA B 40 -27.77 1.43 -12.25
C ALA B 40 -28.17 1.23 -13.73
N VAL B 41 -27.95 2.26 -14.55
CA VAL B 41 -28.29 2.19 -15.98
C VAL B 41 -27.45 1.09 -16.64
N LYS B 42 -26.15 1.05 -16.36
CA LYS B 42 -25.29 0.09 -17.06
C LYS B 42 -25.62 -1.35 -16.62
N LEU B 43 -25.92 -1.52 -15.32
CA LEU B 43 -26.36 -2.84 -14.84
C LEU B 43 -27.64 -3.21 -15.59
N HIS B 44 -28.57 -2.27 -15.70
CA HIS B 44 -29.86 -2.54 -16.35
C HIS B 44 -29.66 -2.95 -17.82
N GLN B 45 -28.79 -2.22 -18.52
CA GLN B 45 -28.43 -2.52 -19.92
C GLN B 45 -27.80 -3.90 -20.07
N THR B 46 -27.11 -4.34 -19.02
CA THR B 46 -26.44 -5.63 -19.01
C THR B 46 -27.44 -6.76 -18.76
N GLY B 47 -28.65 -6.41 -18.31
CA GLY B 47 -29.70 -7.40 -18.07
C GLY B 47 -30.16 -7.57 -16.63
N TYR B 48 -29.64 -6.74 -15.71
CA TYR B 48 -30.06 -6.80 -14.34
C TYR B 48 -31.39 -6.05 -14.14
N ARG B 49 -32.17 -6.57 -13.22
CA ARG B 49 -33.24 -5.77 -12.61
C ARG B 49 -32.58 -5.00 -11.45
N VAL B 50 -33.10 -3.82 -11.14
CA VAL B 50 -32.39 -2.97 -10.19
CA VAL B 50 -32.39 -2.92 -10.22
C VAL B 50 -33.30 -2.38 -9.13
N VAL B 51 -32.77 -2.31 -7.89
CA VAL B 51 -33.35 -1.51 -6.83
C VAL B 51 -32.53 -0.22 -6.75
N ILE B 52 -33.22 0.88 -6.98
CA ILE B 52 -32.65 2.22 -7.04
C ILE B 52 -32.87 2.79 -5.66
N HIS B 53 -31.85 2.67 -4.81
CA HIS B 53 -31.96 3.29 -3.50
C HIS B 53 -31.69 4.82 -3.57
N TYR B 54 -32.45 5.58 -2.77
CA TYR B 54 -32.24 7.03 -2.68
C TYR B 54 -32.50 7.49 -1.23
N HIS B 55 -32.09 8.72 -0.92
CA HIS B 55 -32.34 9.28 0.39
C HIS B 55 -33.27 10.51 0.21
N ASN B 56 -32.73 11.58 -0.37
CA ASN B 56 -33.49 12.81 -0.63
C ASN B 56 -33.99 13.00 -2.07
N SER B 57 -33.41 12.28 -3.03
CA SER B 57 -33.71 12.56 -4.43
C SER B 57 -34.84 11.69 -5.01
N ALA B 58 -36.04 11.85 -4.45
CA ALA B 58 -37.17 10.98 -4.87
C ALA B 58 -37.54 11.15 -6.34
N GLU B 59 -37.65 12.41 -6.76
CA GLU B 59 -38.06 12.70 -8.13
C GLU B 59 -37.09 12.10 -9.14
N ALA B 60 -35.78 12.28 -8.90
CA ALA B 60 -34.78 11.74 -9.80
C ALA B 60 -34.79 10.18 -9.77
N ALA B 61 -34.98 9.60 -8.57
CA ALA B 61 -35.01 8.12 -8.42
C ALA B 61 -36.16 7.56 -9.27
N VAL B 62 -37.34 8.17 -9.12
CA VAL B 62 -38.51 7.72 -9.84
C VAL B 62 -38.41 7.92 -11.34
N SER B 63 -37.86 9.06 -11.76
CA SER B 63 -37.67 9.30 -13.17
CA SER B 63 -37.61 9.34 -13.16
C SER B 63 -36.75 8.24 -13.78
N LEU B 64 -35.68 7.85 -13.06
CA LEU B 64 -34.81 6.77 -13.53
C LEU B 64 -35.59 5.43 -13.59
N ALA B 65 -36.31 5.12 -12.52
CA ALA B 65 -37.12 3.90 -12.50
C ALA B 65 -38.11 3.85 -13.69
N ASP B 66 -38.81 4.96 -13.90
CA ASP B 66 -39.79 5.01 -14.99
C ASP B 66 -39.10 4.76 -16.36
N GLU B 67 -37.94 5.39 -16.55
CA GLU B 67 -37.13 5.20 -17.78
C GLU B 67 -36.73 3.73 -17.98
N LEU B 68 -36.23 3.10 -16.94
CA LEU B 68 -35.79 1.70 -17.02
C LEU B 68 -36.97 0.78 -17.29
N ASN B 69 -38.11 1.04 -16.63
CA ASN B 69 -39.30 0.22 -16.82
C ASN B 69 -39.96 0.38 -18.20
N LYS B 70 -39.77 1.54 -18.83
CA LYS B 70 -40.23 1.79 -20.19
C LYS B 70 -39.40 0.87 -21.10
N GLU B 71 -38.11 0.74 -20.81
CA GLU B 71 -37.22 -0.16 -21.55
C GLU B 71 -37.62 -1.63 -21.39
N ARG B 72 -37.82 -2.06 -20.16
CA ARG B 72 -38.26 -3.44 -19.84
C ARG B 72 -39.20 -3.37 -18.65
N SER B 73 -40.46 -3.76 -18.83
CA SER B 73 -41.43 -3.70 -17.72
C SER B 73 -41.01 -4.46 -16.49
N ASN B 74 -41.30 -3.87 -15.33
CA ASN B 74 -41.08 -4.54 -14.04
CA ASN B 74 -41.08 -4.47 -14.00
C ASN B 74 -39.63 -4.93 -13.78
N THR B 75 -38.70 -4.06 -14.17
CA THR B 75 -37.29 -4.35 -13.96
C THR B 75 -36.56 -3.32 -13.05
N ALA B 76 -37.29 -2.32 -12.54
CA ALA B 76 -36.70 -1.31 -11.64
C ALA B 76 -37.73 -0.90 -10.57
N VAL B 77 -37.25 -0.79 -9.33
CA VAL B 77 -38.05 -0.25 -8.22
C VAL B 77 -37.16 0.72 -7.45
N VAL B 78 -37.77 1.66 -6.75
CA VAL B 78 -37.02 2.57 -5.86
C VAL B 78 -37.20 2.22 -4.40
N CYS B 79 -36.24 2.62 -3.56
CA CYS B 79 -36.23 2.23 -2.16
C CYS B 79 -35.65 3.38 -1.36
N GLN B 80 -36.49 4.06 -0.58
CA GLN B 80 -35.98 5.20 0.21
C GLN B 80 -35.39 4.77 1.55
N ALA B 81 -34.23 5.33 1.89
CA ALA B 81 -33.64 5.11 3.21
C ALA B 81 -32.51 6.06 3.50
N ASP B 82 -32.46 6.51 4.75
CA ASP B 82 -31.34 7.30 5.29
C ASP B 82 -30.27 6.31 5.80
N LEU B 83 -29.00 6.46 5.35
CA LEU B 83 -27.93 5.53 5.71
C LEU B 83 -27.01 6.15 6.76
N THR B 84 -27.43 7.30 7.34
CA THR B 84 -26.74 7.83 8.53
C THR B 84 -26.68 6.74 9.64
N ASN B 85 -25.54 6.67 10.36
CA ASN B 85 -25.46 5.77 11.52
C ASN B 85 -26.47 6.12 12.61
N SER B 86 -27.08 5.07 13.15
CA SER B 86 -28.09 5.21 14.22
C SER B 86 -28.51 3.83 14.68
N ASN B 87 -29.29 3.76 15.74
N ASN B 87 -29.34 3.82 15.72
CA ASN B 87 -29.73 2.46 16.23
CA ASN B 87 -29.92 2.61 16.30
C ASN B 87 -30.83 1.81 15.36
C ASN B 87 -30.72 1.82 15.28
N VAL B 88 -31.35 2.54 14.36
CA VAL B 88 -32.24 1.89 13.36
C VAL B 88 -31.53 1.51 12.03
N LEU B 89 -30.26 1.89 11.89
CA LEU B 89 -29.57 1.62 10.61
C LEU B 89 -29.54 0.10 10.24
N PRO B 90 -29.25 -0.82 11.20
CA PRO B 90 -29.32 -2.23 10.81
C PRO B 90 -30.65 -2.63 10.17
N ALA B 91 -31.77 -2.19 10.77
CA ALA B 91 -33.07 -2.56 10.22
C ALA B 91 -33.30 -1.93 8.85
N SER B 92 -32.88 -0.68 8.67
CA SER B 92 -32.98 -0.03 7.36
C SER B 92 -32.21 -0.80 6.31
N CYS B 93 -30.98 -1.19 6.65
CA CYS B 93 -30.16 -1.97 5.70
C CYS B 93 -30.74 -3.37 5.37
N GLU B 94 -31.25 -4.08 6.39
CA GLU B 94 -31.97 -5.33 6.16
CA GLU B 94 -32.02 -5.32 6.19
C GLU B 94 -33.17 -5.09 5.20
N GLU B 95 -33.89 -3.98 5.41
CA GLU B 95 -35.06 -3.67 4.59
C GLU B 95 -34.70 -3.39 3.12
N ILE B 96 -33.58 -2.70 2.90
CA ILE B 96 -33.10 -2.45 1.53
C ILE B 96 -32.85 -3.77 0.79
N ILE B 97 -32.12 -4.68 1.44
CA ILE B 97 -31.85 -5.99 0.86
C ILE B 97 -33.17 -6.75 0.64
N ASN B 98 -34.04 -6.70 1.66
CA ASN B 98 -35.33 -7.43 1.60
C ASN B 98 -36.17 -6.92 0.44
N SER B 99 -36.09 -5.60 0.17
CA SER B 99 -36.79 -4.98 -0.97
CA SER B 99 -36.80 -5.00 -0.97
C SER B 99 -36.42 -5.62 -2.31
N CYS B 100 -35.13 -5.92 -2.49
CA CYS B 100 -34.67 -6.57 -3.70
C CYS B 100 -35.26 -8.00 -3.82
N PHE B 101 -35.26 -8.76 -2.71
CA PHE B 101 -35.93 -10.06 -2.70
C PHE B 101 -37.44 -9.99 -2.95
N ARG B 102 -38.10 -8.98 -2.37
CA ARG B 102 -39.55 -8.88 -2.55
C ARG B 102 -39.89 -8.50 -3.98
N ALA B 103 -39.07 -7.64 -4.57
CA ALA B 103 -39.34 -7.20 -5.94
C ALA B 103 -39.02 -8.31 -6.96
N PHE B 104 -37.88 -9.00 -6.78
CA PHE B 104 -37.28 -9.75 -7.87
C PHE B 104 -36.97 -11.23 -7.56
N GLY B 105 -37.19 -11.62 -6.30
CA GLY B 105 -36.98 -12.99 -5.81
C GLY B 105 -35.55 -13.41 -5.59
N ARG B 106 -34.61 -12.46 -5.65
CA ARG B 106 -33.20 -12.78 -5.58
C ARG B 106 -32.43 -11.48 -5.49
N CYS B 107 -31.17 -11.58 -5.09
CA CYS B 107 -30.30 -10.39 -5.03
C CYS B 107 -28.89 -10.89 -5.28
N ASP B 108 -28.41 -10.60 -6.49
CA ASP B 108 -27.12 -11.09 -6.99
C ASP B 108 -25.96 -10.14 -6.75
N VAL B 109 -26.28 -8.83 -6.78
CA VAL B 109 -25.24 -7.80 -6.72
C VAL B 109 -25.64 -6.69 -5.76
N LEU B 110 -24.68 -6.24 -4.94
CA LEU B 110 -24.84 -5.07 -4.08
C LEU B 110 -23.76 -4.08 -4.46
N VAL B 111 -24.17 -2.84 -4.75
CA VAL B 111 -23.23 -1.75 -5.06
C VAL B 111 -23.34 -0.70 -3.99
N ASN B 112 -22.29 -0.57 -3.15
CA ASN B 112 -22.30 0.43 -2.10
C ASN B 112 -21.71 1.74 -2.65
N ASN B 113 -22.61 2.60 -3.12
CA ASN B 113 -22.24 3.86 -3.76
C ASN B 113 -22.58 5.14 -2.96
N ALA B 114 -23.71 5.13 -2.23
CA ALA B 114 -24.18 6.30 -1.48
C ALA B 114 -23.08 6.82 -0.53
N SER B 115 -22.94 8.12 -0.45
CA SER B 115 -21.79 8.68 0.25
C SER B 115 -21.99 10.16 0.60
N ALA B 116 -21.85 10.49 1.90
CA ALA B 116 -21.75 11.89 2.37
C ALA B 116 -20.28 12.31 2.22
N PHE B 117 -20.07 13.58 1.90
CA PHE B 117 -18.75 14.09 1.55
C PHE B 117 -18.78 15.61 1.80
N TYR B 118 -18.08 16.02 2.86
CA TYR B 118 -17.98 17.46 3.21
C TYR B 118 -16.89 17.57 4.30
N PRO B 119 -16.27 18.75 4.43
CA PRO B 119 -15.18 18.89 5.41
C PRO B 119 -15.63 18.79 6.85
N THR B 120 -14.71 18.31 7.68
CA THR B 120 -14.90 18.23 9.11
C THR B 120 -13.54 18.64 9.75
N PRO B 121 -13.25 19.95 9.76
CA PRO B 121 -11.93 20.40 10.25
C PRO B 121 -11.72 19.97 11.69
N LEU B 122 -10.47 19.66 12.01
CA LEU B 122 -10.10 19.27 13.38
C LEU B 122 -10.08 20.48 14.32
N VAL B 123 -9.71 21.64 13.79
CA VAL B 123 -9.54 22.88 14.60
C VAL B 123 -10.17 24.12 13.99
N GLY B 133 -23.93 23.83 10.45
CA GLY B 133 -24.39 23.87 11.84
C GLY B 133 -24.53 22.49 12.48
N LYS B 134 -23.97 21.45 11.84
CA LYS B 134 -24.11 20.07 12.31
C LYS B 134 -23.20 19.83 13.52
N THR B 135 -23.69 19.12 14.53
CA THR B 135 -22.83 18.72 15.64
C THR B 135 -21.77 17.71 15.13
N VAL B 136 -20.67 17.58 15.85
CA VAL B 136 -19.65 16.59 15.47
C VAL B 136 -20.23 15.15 15.46
N GLU B 137 -21.12 14.81 16.40
CA GLU B 137 -21.65 13.44 16.41
C GLU B 137 -22.58 13.19 15.21
N THR B 138 -23.27 14.23 14.72
CA THR B 138 -24.03 14.08 13.47
C THR B 138 -23.07 13.88 12.28
N GLN B 139 -21.98 14.63 12.25
CA GLN B 139 -20.94 14.49 11.19
C GLN B 139 -20.37 13.05 11.17
N VAL B 140 -20.04 12.55 12.36
CA VAL B 140 -19.56 11.18 12.49
C VAL B 140 -20.62 10.20 11.92
N ALA B 141 -21.86 10.34 12.39
CA ALA B 141 -22.95 9.45 11.98
C ALA B 141 -23.15 9.45 10.46
N GLU B 142 -23.11 10.65 9.87
CA GLU B 142 -23.34 10.77 8.42
C GLU B 142 -22.17 10.22 7.61
N LEU B 143 -20.98 10.69 7.95
CA LEU B 143 -19.77 10.37 7.14
C LEU B 143 -19.32 8.90 7.33
N ILE B 144 -19.24 8.44 8.58
CA ILE B 144 -18.89 7.05 8.86
C ILE B 144 -20.06 6.11 8.51
N GLY B 145 -21.32 6.54 8.76
CA GLY B 145 -22.46 5.67 8.45
C GLY B 145 -22.59 5.41 6.95
N THR B 146 -22.61 6.48 6.14
CA THR B 146 -22.80 6.28 4.71
C THR B 146 -21.61 5.51 4.10
N ASN B 147 -20.39 5.91 4.45
CA ASN B 147 -19.19 5.39 3.74
C ASN B 147 -18.70 4.03 4.24
N ALA B 148 -19.13 3.66 5.43
CA ALA B 148 -18.56 2.46 6.06
C ALA B 148 -19.59 1.56 6.76
N ILE B 149 -20.31 2.11 7.74
CA ILE B 149 -21.19 1.25 8.55
CA ILE B 149 -21.23 1.31 8.57
C ILE B 149 -22.38 0.71 7.73
N ALA B 150 -23.05 1.57 6.97
CA ALA B 150 -24.13 1.12 6.07
C ALA B 150 -23.62 0.03 5.08
N PRO B 151 -22.48 0.26 4.38
CA PRO B 151 -21.92 -0.84 3.57
C PRO B 151 -21.76 -2.13 4.39
N PHE B 152 -21.22 -1.98 5.60
CA PHE B 152 -21.06 -3.16 6.45
C PHE B 152 -22.39 -3.88 6.73
N LEU B 153 -23.41 -3.16 7.17
CA LEU B 153 -24.70 -3.77 7.49
C LEU B 153 -25.42 -4.38 6.24
N LEU B 154 -25.31 -3.67 5.12
CA LEU B 154 -25.88 -4.12 3.86
C LEU B 154 -25.15 -5.41 3.40
N THR B 155 -23.82 -5.42 3.55
CA THR B 155 -23.03 -6.66 3.33
C THR B 155 -23.54 -7.86 4.18
N MET B 156 -23.78 -7.62 5.48
CA MET B 156 -24.27 -8.65 6.42
CA MET B 156 -24.24 -8.66 6.39
C MET B 156 -25.60 -9.15 5.92
N SER B 157 -26.51 -8.21 5.67
CA SER B 157 -27.86 -8.61 5.23
C SER B 157 -27.84 -9.34 3.88
N PHE B 158 -26.98 -8.88 2.96
CA PHE B 158 -26.85 -9.52 1.65
C PHE B 158 -26.38 -10.98 1.83
N ALA B 159 -25.32 -11.19 2.62
CA ALA B 159 -24.78 -12.54 2.85
C ALA B 159 -25.75 -13.48 3.58
N GLN B 160 -26.37 -12.96 4.65
CA GLN B 160 -27.33 -13.72 5.44
C GLN B 160 -28.46 -14.23 4.55
N ARG B 161 -28.84 -13.44 3.55
CA ARG B 161 -29.96 -13.83 2.68
C ARG B 161 -29.59 -14.86 1.60
N GLN B 162 -28.31 -15.06 1.34
CA GLN B 162 -27.92 -16.03 0.32
C GLN B 162 -27.99 -17.46 0.86
N ASN B 173 -22.79 -16.29 -9.56
CA ASN B 173 -22.09 -15.02 -9.71
C ASN B 173 -22.56 -13.89 -8.76
N LEU B 174 -22.39 -14.10 -7.47
CA LEU B 174 -22.80 -13.12 -6.43
C LEU B 174 -21.62 -12.23 -6.15
N SER B 175 -21.83 -10.92 -6.11
CA SER B 175 -20.73 -10.04 -5.73
C SER B 175 -21.18 -8.70 -5.18
N ILE B 176 -20.28 -8.07 -4.44
CA ILE B 176 -20.50 -6.75 -3.86
C ILE B 176 -19.42 -5.84 -4.44
N VAL B 177 -19.77 -4.61 -4.82
CA VAL B 177 -18.78 -3.63 -5.28
C VAL B 177 -18.94 -2.38 -4.43
N ASN B 178 -17.86 -2.02 -3.73
CA ASN B 178 -17.80 -0.80 -2.90
C ASN B 178 -17.14 0.35 -3.64
N LEU B 179 -17.76 1.51 -3.60
CA LEU B 179 -17.19 2.69 -4.25
C LEU B 179 -16.26 3.32 -3.24
N CYS B 180 -14.98 3.22 -3.53
CA CYS B 180 -13.91 3.70 -2.64
C CYS B 180 -13.37 5.07 -3.15
N ASP B 181 -12.07 5.33 -3.02
CA ASP B 181 -11.56 6.64 -3.41
C ASP B 181 -10.07 6.49 -3.64
N ALA B 182 -9.62 6.82 -4.86
CA ALA B 182 -8.18 6.64 -5.20
C ALA B 182 -7.25 7.56 -4.39
N MET B 183 -7.83 8.56 -3.74
CA MET B 183 -7.01 9.55 -3.05
C MET B 183 -6.93 9.43 -1.52
N VAL B 184 -7.25 8.24 -0.98
CA VAL B 184 -7.32 8.07 0.48
C VAL B 184 -5.98 8.22 1.16
N ASP B 185 -4.88 8.02 0.42
CA ASP B 185 -3.56 8.21 1.04
C ASP B 185 -3.00 9.63 0.83
N GLN B 186 -3.70 10.43 0.02
CA GLN B 186 -3.33 11.80 -0.28
C GLN B 186 -4.59 12.65 -0.18
N PRO B 187 -5.18 12.67 1.03
CA PRO B 187 -6.59 13.11 1.15
C PRO B 187 -6.79 14.62 1.02
N CYS B 188 -8.04 15.01 0.73
CA CYS B 188 -8.41 16.42 0.82
C CYS B 188 -8.16 16.97 2.24
N MET B 189 -7.59 18.15 2.30
CA MET B 189 -7.38 18.84 3.57
C MET B 189 -8.69 19.03 4.34
N ALA B 190 -8.66 18.68 5.63
CA ALA B 190 -9.82 18.88 6.55
C ALA B 190 -11.02 17.93 6.25
N PHE B 191 -10.78 16.81 5.57
CA PHE B 191 -11.81 15.80 5.33
C PHE B 191 -11.50 14.51 6.12
N SER B 192 -11.10 14.67 7.40
CA SER B 192 -10.69 13.47 8.18
CA SER B 192 -10.72 13.50 8.23
C SER B 192 -11.79 12.42 8.31
N LEU B 193 -13.02 12.85 8.65
CA LEU B 193 -14.07 11.86 8.82
C LEU B 193 -14.42 11.11 7.54
N TYR B 194 -14.57 11.85 6.43
CA TYR B 194 -14.77 11.25 5.10
C TYR B 194 -13.64 10.24 4.79
N ASN B 195 -12.40 10.68 5.00
CA ASN B 195 -11.23 9.82 4.72
C ASN B 195 -11.19 8.57 5.61
N MET B 196 -11.52 8.76 6.89
CA MET B 196 -11.69 7.60 7.81
C MET B 196 -12.75 6.65 7.26
N GLY B 197 -13.88 7.20 6.77
CA GLY B 197 -14.96 6.36 6.29
C GLY B 197 -14.47 5.55 5.08
N LYS B 198 -13.79 6.20 4.14
CA LYS B 198 -13.30 5.50 2.94
C LYS B 198 -12.22 4.47 3.28
N HIS B 199 -11.32 4.80 4.21
CA HIS B 199 -10.34 3.78 4.64
C HIS B 199 -11.05 2.57 5.28
N ALA B 200 -12.08 2.84 6.09
CA ALA B 200 -12.82 1.72 6.73
C ALA B 200 -13.47 0.82 5.63
N LEU B 201 -13.91 1.48 4.57
CA LEU B 201 -14.51 0.76 3.43
C LEU B 201 -13.48 -0.16 2.72
N VAL B 202 -12.22 0.25 2.64
CA VAL B 202 -11.17 -0.64 2.12
C VAL B 202 -11.05 -1.87 3.04
N GLY B 203 -11.00 -1.62 4.37
CA GLY B 203 -10.96 -2.71 5.38
C GLY B 203 -12.13 -3.64 5.21
N LEU B 204 -13.33 -3.07 5.03
CA LEU B 204 -14.53 -3.92 4.78
C LEU B 204 -14.39 -4.80 3.53
N THR B 205 -13.90 -4.23 2.43
CA THR B 205 -13.77 -4.92 1.17
C THR B 205 -12.85 -6.16 1.34
N GLN B 206 -11.73 -5.96 2.05
CA GLN B 206 -10.77 -7.04 2.29
C GLN B 206 -11.36 -8.09 3.24
N SER B 207 -11.87 -7.64 4.39
CA SER B 207 -12.42 -8.58 5.44
C SER B 207 -13.61 -9.39 4.90
N ALA B 208 -14.49 -8.73 4.19
CA ALA B 208 -15.67 -9.41 3.57
C ALA B 208 -15.27 -10.33 2.44
N ALA B 209 -14.29 -9.92 1.63
CA ALA B 209 -13.77 -10.80 0.58
C ALA B 209 -13.27 -12.11 1.21
N LEU B 210 -12.46 -11.96 2.25
CA LEU B 210 -11.93 -13.14 2.94
C LEU B 210 -13.01 -14.05 3.52
N GLU B 211 -13.98 -13.42 4.20
CA GLU B 211 -14.95 -14.18 4.96
C GLU B 211 -16.07 -14.77 4.07
N LEU B 212 -16.42 -14.06 2.99
CA LEU B 212 -17.55 -14.49 2.13
C LEU B 212 -17.12 -15.39 0.94
N ALA B 213 -15.80 -15.52 0.73
CA ALA B 213 -15.29 -16.36 -0.34
C ALA B 213 -15.83 -17.83 -0.25
N PRO B 214 -15.89 -18.42 0.97
CA PRO B 214 -16.47 -19.78 1.05
C PRO B 214 -17.92 -19.92 0.55
N TYR B 215 -18.67 -18.82 0.52
CA TYR B 215 -20.06 -18.81 0.04
C TYR B 215 -20.11 -18.45 -1.45
N GLY B 216 -18.94 -18.24 -2.05
CA GLY B 216 -18.87 -17.74 -3.44
C GLY B 216 -19.27 -16.30 -3.74
N ILE B 217 -19.26 -15.43 -2.71
CA ILE B 217 -19.60 -14.01 -2.87
C ILE B 217 -18.27 -13.27 -2.97
N ARG B 218 -18.06 -12.61 -4.13
CA ARG B 218 -16.84 -11.85 -4.32
C ARG B 218 -17.12 -10.43 -3.80
N VAL B 219 -16.06 -9.78 -3.33
CA VAL B 219 -16.22 -8.41 -2.76
C VAL B 219 -15.02 -7.64 -3.29
N ASN B 220 -15.31 -6.57 -4.02
CA ASN B 220 -14.29 -5.71 -4.69
C ASN B 220 -14.66 -4.24 -4.54
N GLY B 221 -13.75 -3.37 -4.95
CA GLY B 221 -13.99 -1.91 -4.95
C GLY B 221 -13.59 -1.29 -6.26
N VAL B 222 -14.13 -0.09 -6.52
CA VAL B 222 -13.72 0.76 -7.62
C VAL B 222 -13.39 2.08 -6.94
N ALA B 223 -12.22 2.61 -7.25
CA ALA B 223 -11.72 3.80 -6.58
C ALA B 223 -11.55 4.94 -7.61
N PRO B 224 -12.55 5.83 -7.74
CA PRO B 224 -12.36 7.00 -8.65
C PRO B 224 -11.33 7.94 -8.05
N GLY B 225 -10.66 8.71 -8.92
CA GLY B 225 -9.84 9.85 -8.49
C GLY B 225 -10.76 11.07 -8.52
N VAL B 226 -10.77 11.79 -9.63
CA VAL B 226 -11.71 12.87 -9.86
CA VAL B 226 -11.75 12.85 -9.82
C VAL B 226 -12.68 12.39 -10.93
N SER B 227 -13.96 12.29 -10.56
CA SER B 227 -14.99 11.95 -11.53
C SER B 227 -15.93 13.15 -11.57
N LEU B 228 -17.25 12.95 -11.65
CA LEU B 228 -18.14 14.11 -11.69
C LEU B 228 -17.88 15.11 -10.56
N LEU B 229 -17.62 16.37 -10.92
CA LEU B 229 -17.33 17.35 -9.89
CA LEU B 229 -17.31 17.36 -9.89
C LEU B 229 -18.61 17.80 -9.20
N PRO B 230 -18.48 18.33 -7.96
CA PRO B 230 -19.69 18.79 -7.24
C PRO B 230 -20.46 19.80 -8.07
N VAL B 231 -21.79 19.73 -8.02
CA VAL B 231 -22.60 20.57 -8.91
C VAL B 231 -22.41 22.07 -8.54
N ALA B 232 -22.13 22.30 -7.25
CA ALA B 232 -21.83 23.63 -6.69
C ALA B 232 -20.68 24.31 -7.43
N MET B 233 -19.65 23.53 -7.72
CA MET B 233 -18.31 24.00 -7.99
C MET B 233 -18.15 24.91 -9.22
N GLY B 234 -17.49 26.05 -9.04
CA GLY B 234 -17.19 26.91 -10.18
C GLY B 234 -16.32 26.23 -11.23
N GLU B 235 -16.55 26.54 -12.53
CA GLU B 235 -15.70 25.94 -13.61
C GLU B 235 -14.23 26.21 -13.38
N GLU B 236 -13.91 27.40 -12.86
CA GLU B 236 -12.50 27.68 -12.60
C GLU B 236 -11.87 26.71 -11.58
N GLU B 237 -12.66 26.29 -10.58
CA GLU B 237 -12.17 25.33 -9.60
CA GLU B 237 -12.17 25.32 -9.60
C GLU B 237 -12.20 23.90 -10.18
N LYS B 238 -13.24 23.62 -10.98
CA LYS B 238 -13.31 22.35 -11.70
CA LYS B 238 -13.32 22.35 -11.70
C LYS B 238 -12.06 22.12 -12.56
N ASP B 239 -11.66 23.16 -13.30
CA ASP B 239 -10.52 23.09 -14.21
C ASP B 239 -9.20 22.90 -13.50
N LYS B 240 -9.10 23.42 -12.27
CA LYS B 240 -7.92 23.17 -11.46
C LYS B 240 -7.71 21.67 -11.24
N TRP B 241 -8.79 20.93 -11.01
CA TRP B 241 -8.68 19.49 -10.78
C TRP B 241 -8.39 18.75 -12.08
N ARG B 242 -9.13 19.15 -13.12
CA ARG B 242 -9.01 18.57 -14.45
C ARG B 242 -7.57 18.63 -14.90
N ARG B 243 -6.94 19.78 -14.67
CA ARG B 243 -5.56 19.99 -15.11
C ARG B 243 -4.52 19.10 -14.41
N LYS B 244 -4.85 18.57 -13.24
CA LYS B 244 -3.95 17.65 -12.50
C LYS B 244 -3.91 16.22 -13.06
N VAL B 245 -4.88 15.88 -13.92
CA VAL B 245 -5.04 14.48 -14.33
C VAL B 245 -4.16 14.20 -15.56
N PRO B 246 -3.12 13.35 -15.40
CA PRO B 246 -2.22 13.08 -16.54
C PRO B 246 -2.96 12.61 -17.81
N LEU B 247 -3.93 11.72 -17.65
CA LEU B 247 -4.56 11.09 -18.81
C LEU B 247 -5.74 11.94 -19.27
N GLY B 248 -5.46 12.92 -20.12
CA GLY B 248 -6.51 13.67 -20.83
C GLY B 248 -6.93 14.98 -20.14
N ARG B 249 -6.34 15.27 -18.97
CA ARG B 249 -6.62 16.51 -18.22
C ARG B 249 -8.12 16.76 -18.09
N ARG B 250 -8.81 15.73 -17.68
CA ARG B 250 -10.26 15.75 -17.53
CA ARG B 250 -10.23 15.80 -17.43
C ARG B 250 -10.64 14.72 -16.43
N GLU B 251 -11.84 14.90 -15.87
CA GLU B 251 -12.38 14.00 -14.89
C GLU B 251 -12.97 12.73 -15.55
N ALA B 252 -13.11 11.64 -14.78
CA ALA B 252 -13.78 10.47 -15.35
C ALA B 252 -15.26 10.73 -15.51
N SER B 253 -15.84 10.24 -16.59
CA SER B 253 -17.31 10.25 -16.67
C SER B 253 -17.89 9.26 -15.66
N ALA B 254 -19.16 9.46 -15.30
CA ALA B 254 -19.82 8.48 -14.44
C ALA B 254 -19.81 7.11 -15.15
N GLU B 255 -19.93 7.12 -16.48
CA GLU B 255 -20.02 5.88 -17.29
C GLU B 255 -18.69 5.08 -17.22
N GLN B 256 -17.57 5.83 -17.21
CA GLN B 256 -16.26 5.19 -17.05
C GLN B 256 -16.11 4.51 -15.67
N ILE B 257 -16.60 5.17 -14.62
CA ILE B 257 -16.61 4.53 -13.29
C ILE B 257 -17.50 3.28 -13.39
N ALA B 258 -18.71 3.47 -13.97
CA ALA B 258 -19.64 2.30 -14.13
C ALA B 258 -19.01 1.13 -14.88
N ASP B 259 -18.20 1.41 -15.92
CA ASP B 259 -17.57 0.33 -16.70
C ASP B 259 -16.74 -0.59 -15.78
N ALA B 260 -16.07 -0.03 -14.79
CA ALA B 260 -15.26 -0.85 -13.89
C ALA B 260 -16.12 -1.71 -12.99
N VAL B 261 -17.25 -1.17 -12.53
CA VAL B 261 -18.22 -1.96 -11.73
C VAL B 261 -18.77 -3.13 -12.55
N ILE B 262 -19.21 -2.85 -13.79
CA ILE B 262 -19.69 -3.88 -14.70
C ILE B 262 -18.64 -5.00 -14.89
N PHE B 263 -17.37 -4.65 -15.11
CA PHE B 263 -16.33 -5.67 -15.21
C PHE B 263 -16.31 -6.56 -13.95
N LEU B 264 -16.27 -5.91 -12.78
CA LEU B 264 -16.16 -6.63 -11.48
C LEU B 264 -17.31 -7.58 -11.17
N VAL B 265 -18.52 -7.23 -11.61
CA VAL B 265 -19.66 -8.15 -11.38
C VAL B 265 -19.80 -9.25 -12.46
N SER B 266 -19.03 -9.10 -13.53
CA SER B 266 -19.15 -9.93 -14.73
C SER B 266 -18.41 -11.28 -14.53
N GLY B 267 -18.69 -12.22 -15.44
CA GLY B 267 -17.96 -13.50 -15.50
C GLY B 267 -16.46 -13.38 -15.82
N SER B 268 -16.04 -12.23 -16.35
CA SER B 268 -14.62 -11.95 -16.66
C SER B 268 -13.80 -11.65 -15.39
N ALA B 269 -14.47 -11.62 -14.24
CA ALA B 269 -13.83 -11.25 -12.96
C ALA B 269 -14.10 -12.35 -11.90
N GLN B 270 -14.39 -13.52 -12.40
CA GLN B 270 -14.84 -14.63 -11.58
C GLN B 270 -13.80 -15.06 -10.48
N TYR B 271 -12.53 -14.77 -10.70
CA TYR B 271 -11.49 -15.14 -9.71
C TYR B 271 -11.03 -13.89 -8.92
N ILE B 272 -11.65 -12.75 -9.18
CA ILE B 272 -11.21 -11.50 -8.55
C ILE B 272 -12.04 -11.25 -7.28
N THR B 273 -11.36 -11.24 -6.12
CA THR B 273 -12.05 -10.87 -4.86
C THR B 273 -11.04 -10.15 -3.95
N GLY B 274 -11.49 -9.12 -3.25
CA GLY B 274 -10.60 -8.33 -2.38
C GLY B 274 -9.75 -7.32 -3.16
N SER B 275 -10.11 -7.08 -4.42
CA SER B 275 -9.38 -6.13 -5.28
C SER B 275 -10.08 -4.78 -5.37
N ILE B 276 -9.28 -3.73 -5.35
CA ILE B 276 -9.82 -2.37 -5.58
C ILE B 276 -9.18 -1.83 -6.86
N ILE B 277 -10.02 -1.67 -7.88
CA ILE B 277 -9.57 -1.08 -9.15
C ILE B 277 -9.60 0.47 -9.16
N LYS B 278 -8.42 1.10 -9.17
CA LYS B 278 -8.30 2.56 -9.34
CA LYS B 278 -8.32 2.53 -9.30
C LYS B 278 -8.75 2.99 -10.72
N VAL B 279 -9.63 3.99 -10.79
CA VAL B 279 -10.08 4.53 -12.10
C VAL B 279 -9.83 6.04 -12.03
N ASP B 280 -8.55 6.44 -12.18
CA ASP B 280 -8.21 7.81 -11.82
C ASP B 280 -7.35 8.57 -12.84
N GLY B 281 -7.15 7.97 -14.03
CA GLY B 281 -6.35 8.61 -15.12
C GLY B 281 -4.94 9.09 -14.67
N GLY B 282 -4.40 8.35 -13.68
CA GLY B 282 -3.09 8.64 -13.14
C GLY B 282 -3.00 9.70 -12.07
N LEU B 283 -4.14 10.28 -11.65
CA LEU B 283 -4.14 11.36 -10.67
C LEU B 283 -3.32 11.09 -9.39
N SER B 284 -3.52 9.90 -8.82
CA SER B 284 -2.87 9.45 -7.56
C SER B 284 -1.33 9.29 -7.70
N LEU B 285 -0.84 9.20 -8.93
CA LEU B 285 0.62 9.09 -9.19
C LEU B 285 1.35 10.44 -9.17
N VAL B 286 0.59 11.54 -9.06
CA VAL B 286 1.16 12.87 -9.26
C VAL B 286 1.58 13.45 -7.93
N HIS B 287 2.87 13.70 -7.77
CA HIS B 287 3.33 14.32 -6.53
C HIS B 287 2.86 15.82 -6.41
N ALA B 288 2.94 16.33 -5.18
CA ALA B 288 2.60 17.75 -4.85
C ALA B 288 3.40 18.73 -5.69
N GLU C 22 34.79 -6.10 20.31
CA GLU C 22 34.77 -4.97 21.29
C GLU C 22 33.58 -4.03 21.01
N ALA C 23 33.86 -2.87 20.42
CA ALA C 23 32.83 -1.98 19.91
C ALA C 23 32.20 -2.60 18.63
N PRO C 24 30.89 -2.35 18.40
CA PRO C 24 30.32 -2.89 17.15
C PRO C 24 30.88 -2.13 15.92
N ALA C 25 30.72 -2.72 14.72
CA ALA C 25 31.22 -2.08 13.50
C ALA C 25 30.14 -1.97 12.43
N ALA C 26 30.16 -0.86 11.70
CA ALA C 26 29.15 -0.61 10.64
C ALA C 26 29.79 -0.29 9.29
N VAL C 27 29.15 -0.71 8.20
CA VAL C 27 29.56 -0.28 6.87
C VAL C 27 28.49 0.69 6.39
N VAL C 28 28.91 1.87 5.91
CA VAL C 28 27.98 2.85 5.32
C VAL C 28 28.42 3.13 3.88
N THR C 29 27.58 2.76 2.90
CA THR C 29 27.95 3.09 1.51
C THR C 29 27.70 4.56 1.14
N GLY C 30 28.57 5.12 0.31
CA GLY C 30 28.42 6.52 -0.10
C GLY C 30 28.43 7.48 1.09
N ALA C 31 29.38 7.25 1.99
CA ALA C 31 29.42 7.91 3.29
C ALA C 31 30.27 9.19 3.32
N ALA C 32 30.80 9.61 2.18
CA ALA C 32 31.69 10.80 2.18
C ALA C 32 30.98 12.15 2.38
N LYS C 33 29.72 12.22 1.93
CA LYS C 33 29.03 13.50 1.85
C LYS C 33 27.58 13.35 2.32
N ARG C 34 26.96 14.48 2.67
CA ARG C 34 25.50 14.56 2.70
C ARG C 34 24.92 13.52 3.66
N ILE C 35 23.87 12.79 3.22
CA ILE C 35 23.16 11.92 4.15
C ILE C 35 24.05 10.77 4.68
N GLY C 36 24.84 10.13 3.79
CA GLY C 36 25.78 9.07 4.17
C GLY C 36 26.75 9.49 5.26
N ARG C 37 27.30 10.70 5.11
CA ARG C 37 28.26 11.25 6.06
C ARG C 37 27.58 11.39 7.42
N ALA C 38 26.36 11.97 7.42
CA ALA C 38 25.60 12.23 8.67
C ALA C 38 25.36 10.91 9.42
N ILE C 39 25.00 9.89 8.65
CA ILE C 39 24.76 8.54 9.17
C ILE C 39 26.07 7.96 9.77
N ALA C 40 27.18 8.05 9.04
CA ALA C 40 28.45 7.59 9.56
C ALA C 40 28.84 8.31 10.86
N VAL C 41 28.66 9.63 10.88
CA VAL C 41 29.00 10.43 12.07
C VAL C 41 28.15 9.97 13.28
N LYS C 42 26.82 9.85 13.10
CA LYS C 42 25.94 9.44 14.18
C LYS C 42 26.24 8.02 14.68
N LEU C 43 26.50 7.07 13.77
CA LEU C 43 26.87 5.73 14.24
C LEU C 43 28.14 5.84 15.08
N HIS C 44 29.13 6.55 14.55
CA HIS C 44 30.41 6.70 15.25
C HIS C 44 30.19 7.29 16.64
N GLN C 45 29.32 8.31 16.71
CA GLN C 45 29.00 9.00 17.98
C GLN C 45 28.30 8.09 18.95
N THR C 46 27.54 7.13 18.41
CA THR C 46 26.86 6.09 19.19
C THR C 46 27.82 5.01 19.70
N GLY C 47 29.05 4.94 19.16
CA GLY C 47 30.02 3.94 19.62
C GLY C 47 30.47 2.92 18.58
N TYR C 48 29.97 3.06 17.35
CA TYR C 48 30.38 2.19 16.24
C TYR C 48 31.77 2.57 15.70
N ARG C 49 32.52 1.54 15.31
CA ARG C 49 33.62 1.68 14.36
C ARG C 49 32.99 1.65 12.96
N VAL C 50 33.54 2.42 12.01
CA VAL C 50 32.85 2.64 10.73
C VAL C 50 33.78 2.48 9.52
N VAL C 51 33.22 1.80 8.50
CA VAL C 51 33.81 1.74 7.17
C VAL C 51 33.07 2.74 6.33
N ILE C 52 33.85 3.72 5.89
CA ILE C 52 33.35 4.81 5.08
C ILE C 52 33.56 4.46 3.61
N HIS C 53 32.52 3.97 2.96
CA HIS C 53 32.65 3.69 1.53
C HIS C 53 32.50 4.93 0.66
N TYR C 54 33.26 4.97 -0.44
CA TYR C 54 33.17 6.07 -1.41
C TYR C 54 33.47 5.53 -2.82
N HIS C 55 33.04 6.29 -3.82
CA HIS C 55 33.35 5.99 -5.19
C HIS C 55 34.30 7.10 -5.73
N ASN C 56 33.77 8.30 -5.96
CA ASN C 56 34.59 9.43 -6.46
C ASN C 56 35.14 10.38 -5.38
N SER C 57 34.57 10.32 -4.18
CA SER C 57 34.86 11.36 -3.18
C SER C 57 35.94 10.95 -2.19
N ALA C 58 37.10 10.59 -2.72
CA ALA C 58 38.23 10.16 -1.86
C ALA C 58 38.60 11.20 -0.79
N GLU C 59 38.74 12.45 -1.23
CA GLU C 59 39.22 13.50 -0.33
C GLU C 59 38.26 13.68 0.85
N ALA C 60 36.97 13.77 0.54
CA ALA C 60 35.91 13.91 1.56
C ALA C 60 35.86 12.69 2.48
N ALA C 61 36.02 11.48 1.91
CA ALA C 61 35.99 10.23 2.69
C ALA C 61 37.14 10.24 3.70
N VAL C 62 38.34 10.57 3.21
CA VAL C 62 39.52 10.57 4.07
C VAL C 62 39.41 11.67 5.13
N SER C 63 38.92 12.85 4.73
CA SER C 63 38.70 13.93 5.71
C SER C 63 37.74 13.53 6.86
N LEU C 64 36.65 12.82 6.52
CA LEU C 64 35.71 12.30 7.54
C LEU C 64 36.42 11.28 8.44
N ALA C 65 37.16 10.35 7.83
CA ALA C 65 37.93 9.33 8.57
C ALA C 65 38.86 9.99 9.57
N ASP C 66 39.60 11.00 9.09
CA ASP C 66 40.55 11.76 9.90
C ASP C 66 39.84 12.35 11.11
N GLU C 67 38.69 12.98 10.87
CA GLU C 67 37.88 13.59 11.92
C GLU C 67 37.42 12.57 12.98
N LEU C 68 36.90 11.43 12.54
CA LEU C 68 36.43 10.37 13.44
C LEU C 68 37.58 9.69 14.23
N ASN C 69 38.72 9.46 13.56
CA ASN C 69 39.88 8.88 14.23
C ASN C 69 40.55 9.87 15.21
N LYS C 70 40.41 11.17 14.95
CA LYS C 70 40.88 12.20 15.90
C LYS C 70 40.09 12.05 17.20
N GLU C 71 38.79 11.75 17.05
CA GLU C 71 37.89 11.56 18.18
C GLU C 71 38.23 10.27 18.97
N ARG C 72 38.40 9.14 18.26
CA ARG C 72 38.83 7.86 18.85
C ARG C 72 39.73 7.15 17.82
N SER C 73 40.97 6.89 18.21
CA SER C 73 41.97 6.32 17.30
C SER C 73 41.55 4.98 16.67
N ASN C 74 41.81 4.81 15.38
CA ASN C 74 41.60 3.53 14.69
C ASN C 74 40.14 3.03 14.77
N THR C 75 39.19 3.95 14.66
CA THR C 75 37.78 3.54 14.64
C THR C 75 37.08 3.85 13.30
N ALA C 76 37.82 4.40 12.33
CA ALA C 76 37.27 4.68 11.01
C ALA C 76 38.27 4.32 9.91
N VAL C 77 37.78 3.61 8.90
CA VAL C 77 38.60 3.31 7.72
C VAL C 77 37.76 3.65 6.47
N VAL C 78 38.42 3.82 5.33
CA VAL C 78 37.72 4.04 4.06
C VAL C 78 37.84 2.82 3.12
N GLN C 80 37.15 2.19 -1.17
CA GLN C 80 36.71 2.66 -2.48
C GLN C 80 36.04 1.54 -3.26
N ALA C 81 34.90 1.85 -3.87
CA ALA C 81 34.33 0.90 -4.85
C ALA C 81 33.27 1.55 -5.73
N ASP C 82 33.27 1.17 -7.00
CA ASP C 82 32.17 1.53 -7.91
C ASP C 82 31.05 0.50 -7.68
N LEU C 83 29.82 1.00 -7.46
CA LEU C 83 28.68 0.11 -7.23
C LEU C 83 27.75 -0.08 -8.47
N THR C 84 28.23 0.43 -9.61
CA THR C 84 27.56 0.22 -10.91
C THR C 84 27.45 -1.30 -11.14
N ASN C 85 26.31 -1.76 -11.69
CA ASN C 85 26.21 -3.19 -11.97
C ASN C 85 27.25 -3.58 -13.05
N SER C 86 27.91 -4.72 -12.81
CA SER C 86 28.91 -5.27 -13.78
C SER C 86 29.28 -6.68 -13.39
N ASN C 87 30.14 -7.30 -14.19
CA ASN C 87 30.65 -8.64 -13.85
C ASN C 87 31.48 -8.64 -12.57
N VAL C 88 32.10 -7.50 -12.24
CA VAL C 88 32.95 -7.39 -11.01
C VAL C 88 32.21 -6.89 -9.76
N LEU C 89 30.95 -6.48 -9.91
CA LEU C 89 30.18 -5.98 -8.76
C LEU C 89 30.10 -6.96 -7.57
N PRO C 90 29.79 -8.26 -7.81
CA PRO C 90 29.81 -9.20 -6.67
C PRO C 90 31.12 -9.22 -5.90
N ALA C 91 32.25 -9.23 -6.60
CA ALA C 91 33.55 -9.21 -5.93
C ALA C 91 33.72 -7.89 -5.18
N SER C 92 33.30 -6.78 -5.80
CA SER C 92 33.43 -5.49 -5.13
C SER C 92 32.64 -5.46 -3.81
N CYS C 93 31.42 -6.02 -3.82
CA CYS C 93 30.57 -6.01 -2.63
C CYS C 93 31.12 -6.91 -1.53
N GLU C 94 31.65 -8.06 -1.94
CA GLU C 94 32.32 -8.98 -1.03
C GLU C 94 33.48 -8.27 -0.33
N GLU C 95 34.21 -7.45 -1.08
CA GLU C 95 35.37 -6.76 -0.53
C GLU C 95 35.01 -5.61 0.40
N ILE C 96 33.88 -4.95 0.15
CA ILE C 96 33.42 -3.89 1.07
C ILE C 96 33.12 -4.52 2.46
N ILE C 97 32.37 -5.62 2.46
CA ILE C 97 32.05 -6.31 3.68
C ILE C 97 33.33 -6.85 4.34
N ASN C 98 34.21 -7.41 3.51
CA ASN C 98 35.49 -7.94 4.00
C ASN C 98 36.31 -6.85 4.68
N SER C 99 36.28 -5.65 4.11
CA SER C 99 37.08 -4.56 4.68
C SER C 99 36.67 -4.27 6.16
N CYS C 100 35.38 -4.42 6.46
CA CYS C 100 34.90 -4.24 7.84
C CYS C 100 35.47 -5.34 8.78
N PHE C 101 35.43 -6.59 8.32
CA PHE C 101 36.00 -7.69 9.10
C PHE C 101 37.49 -7.57 9.30
N ARG C 102 38.20 -7.11 8.27
CA ARG C 102 39.63 -6.94 8.39
CA ARG C 102 39.65 -6.88 8.32
C ARG C 102 40.01 -5.83 9.36
N ALA C 103 39.32 -4.69 9.26
CA ALA C 103 39.64 -3.53 10.08
C ALA C 103 39.27 -3.77 11.54
N PHE C 104 38.11 -4.40 11.75
CA PHE C 104 37.43 -4.39 13.05
C PHE C 104 37.07 -5.77 13.58
N GLY C 105 37.27 -6.80 12.76
CA GLY C 105 37.04 -8.19 13.19
C GLY C 105 35.57 -8.59 13.30
N ARG C 106 34.67 -7.72 12.85
CA ARG C 106 33.22 -7.96 12.91
C ARG C 106 32.52 -6.96 12.00
N CYS C 107 31.24 -7.25 11.70
CA CYS C 107 30.40 -6.33 10.92
C CYS C 107 28.99 -6.52 11.42
N ASP C 108 28.52 -5.55 12.20
CA ASP C 108 27.21 -5.66 12.87
C ASP C 108 26.10 -4.98 12.09
N VAL C 109 26.47 -3.97 11.29
CA VAL C 109 25.46 -3.11 10.61
C VAL C 109 25.92 -2.79 9.19
N LEU C 110 24.98 -2.88 8.27
CA LEU C 110 25.21 -2.42 6.89
C LEU C 110 24.17 -1.38 6.59
N VAL C 111 24.59 -0.23 6.08
CA VAL C 111 23.68 0.84 5.66
C VAL C 111 23.87 1.06 4.16
N ASN C 112 22.82 0.74 3.38
CA ASN C 112 22.87 0.86 1.94
C ASN C 112 22.32 2.24 1.58
N ASN C 113 23.24 3.19 1.45
CA ASN C 113 22.96 4.58 1.21
C ASN C 113 23.37 5.11 -0.20
N ALA C 114 24.52 4.64 -0.73
CA ALA C 114 24.98 5.04 -2.06
C ALA C 114 23.89 4.92 -3.14
N SER C 115 23.84 5.91 -4.00
CA SER C 115 22.69 5.98 -4.90
C SER C 115 22.89 6.97 -6.05
N ALA C 116 22.73 6.46 -7.27
CA ALA C 116 22.68 7.32 -8.44
C ALA C 116 21.23 7.82 -8.63
N PHE C 117 21.13 9.07 -9.05
CA PHE C 117 19.85 9.72 -9.18
C PHE C 117 19.88 10.72 -10.33
N TYR C 118 19.16 10.43 -11.41
CA TYR C 118 19.08 11.35 -12.55
C TYR C 118 17.99 10.86 -13.50
N PRO C 119 17.46 11.75 -14.37
CA PRO C 119 16.36 11.33 -15.29
C PRO C 119 16.76 10.34 -16.40
N THR C 120 15.81 9.47 -16.77
CA THR C 120 15.98 8.54 -17.88
C THR C 120 14.64 8.54 -18.64
N PRO C 121 14.40 9.59 -19.44
CA PRO C 121 13.08 9.68 -20.12
C PRO C 121 12.80 8.49 -21.03
N LEU C 122 11.53 8.08 -21.08
CA LEU C 122 11.12 6.95 -21.96
C LEU C 122 11.12 7.34 -23.44
N VAL C 123 10.81 8.60 -23.74
CA VAL C 123 10.64 9.06 -25.13
C VAL C 123 11.63 10.17 -25.46
N GLY C 133 25.72 11.85 -22.04
CA GLY C 133 25.41 11.02 -23.22
C GLY C 133 25.53 9.54 -22.93
N LYS C 134 25.15 9.14 -21.71
CA LYS C 134 25.21 7.73 -21.29
C LYS C 134 24.26 6.90 -22.14
N THR C 135 24.73 5.74 -22.59
CA THR C 135 23.83 4.78 -23.25
C THR C 135 22.78 4.33 -22.22
N VAL C 136 21.66 3.78 -22.71
CA VAL C 136 20.60 3.31 -21.80
C VAL C 136 21.08 2.16 -20.91
N GLU C 137 21.96 1.30 -21.43
CA GLU C 137 22.45 0.16 -20.67
CA GLU C 137 22.39 0.17 -20.59
C GLU C 137 23.39 0.60 -19.52
N THR C 138 24.12 1.69 -19.76
CA THR C 138 24.94 2.33 -18.69
C THR C 138 24.00 2.92 -17.63
N GLN C 139 22.93 3.59 -18.07
CA GLN C 139 21.92 4.09 -17.13
C GLN C 139 21.27 3.00 -16.26
N VAL C 140 20.92 1.87 -16.89
CA VAL C 140 20.43 0.68 -16.19
C VAL C 140 21.49 0.22 -15.17
N ALA C 141 22.73 0.13 -15.62
CA ALA C 141 23.80 -0.37 -14.75
C ALA C 141 23.99 0.50 -13.51
N GLU C 142 24.00 1.81 -13.73
CA GLU C 142 24.23 2.75 -12.64
C GLU C 142 23.02 2.83 -11.71
N LEU C 143 21.83 3.00 -12.27
CA LEU C 143 20.63 3.29 -11.45
C LEU C 143 20.14 2.05 -10.73
N ILE C 144 20.05 0.95 -11.45
CA ILE C 144 19.61 -0.30 -10.84
C ILE C 144 20.76 -0.87 -10.03
N GLY C 145 22.01 -0.68 -10.50
CA GLY C 145 23.17 -1.15 -9.74
C GLY C 145 23.28 -0.54 -8.35
N THR C 146 23.37 0.79 -8.29
CA THR C 146 23.53 1.46 -6.98
C THR C 146 22.33 1.26 -6.07
N ASN C 147 21.11 1.39 -6.62
CA ASN C 147 19.90 1.41 -5.78
C ASN C 147 19.37 0.03 -5.35
N ALA C 148 19.78 -1.03 -6.06
CA ALA C 148 19.19 -2.35 -5.85
C ALA C 148 20.16 -3.52 -5.90
N ILE C 149 20.94 -3.63 -6.97
CA ILE C 149 21.75 -4.85 -7.13
CA ILE C 149 21.79 -4.83 -7.16
C ILE C 149 22.91 -4.84 -6.12
N ALA C 150 23.59 -3.71 -5.98
CA ALA C 150 24.63 -3.56 -4.96
C ALA C 150 24.07 -3.83 -3.53
N PRO C 151 22.98 -3.17 -3.12
CA PRO C 151 22.36 -3.58 -1.86
C PRO C 151 22.11 -5.09 -1.73
N PHE C 152 21.64 -5.74 -2.79
CA PHE C 152 21.42 -7.18 -2.74
C PHE C 152 22.75 -7.97 -2.47
N LEU C 153 23.79 -7.65 -3.25
CA LEU C 153 25.08 -8.34 -3.13
C LEU C 153 25.76 -8.11 -1.79
N LEU C 154 25.65 -6.86 -1.30
CA LEU C 154 26.23 -6.48 -0.02
C LEU C 154 25.46 -7.25 1.07
N THR C 155 24.14 -7.34 0.89
CA THR C 155 23.31 -8.12 1.82
C THR C 155 23.70 -9.61 1.89
N MET C 156 23.85 -10.25 0.72
CA MET C 156 24.37 -11.64 0.65
CA MET C 156 24.35 -11.63 0.64
C MET C 156 25.70 -11.79 1.36
N SER C 157 26.66 -10.94 1.01
CA SER C 157 28.00 -11.02 1.57
CA SER C 157 28.00 -11.00 1.56
C SER C 157 27.95 -10.79 3.09
N PHE C 158 27.17 -9.79 3.53
CA PHE C 158 27.01 -9.49 4.96
C PHE C 158 26.45 -10.69 5.71
N ALA C 159 25.40 -11.30 5.16
CA ALA C 159 24.79 -12.48 5.82
C ALA C 159 25.69 -13.72 5.81
N GLN C 160 26.38 -13.96 4.68
CA GLN C 160 27.29 -15.11 4.52
C GLN C 160 28.41 -15.07 5.55
N ARG C 161 28.93 -13.87 5.82
CA ARG C 161 30.01 -13.70 6.79
C ARG C 161 29.57 -13.90 8.26
N GLN C 162 28.26 -13.82 8.56
CA GLN C 162 27.78 -14.05 9.93
C GLN C 162 27.61 -15.53 10.24
N ASN C 173 23.38 -7.81 17.88
CA ASN C 173 22.31 -6.94 17.31
C ASN C 173 22.67 -6.53 15.88
N LEU C 174 22.48 -7.50 14.97
CA LEU C 174 22.85 -7.37 13.57
C LEU C 174 21.67 -6.80 12.79
N SER C 175 21.96 -5.84 11.93
CA SER C 175 20.87 -5.31 11.10
C SER C 175 21.39 -4.61 9.86
N ILE C 176 20.48 -4.50 8.90
CA ILE C 176 20.73 -3.76 7.66
C ILE C 176 19.69 -2.64 7.54
N VAL C 177 20.12 -1.46 7.10
CA VAL C 177 19.17 -0.36 6.84
C VAL C 177 19.38 0.10 5.41
N ASN C 178 18.29 0.02 4.64
CA ASN C 178 18.29 0.50 3.27
C ASN C 178 17.69 1.88 3.17
N LEU C 179 18.40 2.81 2.51
CA LEU C 179 17.85 4.14 2.21
C LEU C 179 16.96 4.07 0.98
N CYS C 180 15.65 4.20 1.26
CA CYS C 180 14.55 4.08 0.29
C CYS C 180 14.11 5.48 -0.17
N ASP C 181 12.82 5.64 -0.47
CA ASP C 181 12.36 6.93 -0.96
C ASP C 181 10.86 6.99 -0.74
N ALA C 182 10.44 7.99 0.05
CA ALA C 182 9.00 8.11 0.41
C ALA C 182 8.12 8.42 -0.82
N MET C 183 8.73 8.89 -1.91
CA MET C 183 7.95 9.30 -3.10
C MET C 183 7.86 8.24 -4.18
N VAL C 184 8.19 6.97 -3.82
CA VAL C 184 8.16 5.86 -4.83
C VAL C 184 6.82 5.68 -5.55
N ASP C 185 5.74 5.99 -4.86
CA ASP C 185 4.43 5.81 -5.49
C ASP C 185 3.91 7.06 -6.20
N GLN C 186 4.65 8.17 -6.04
CA GLN C 186 4.34 9.45 -6.64
C GLN C 186 5.63 10.05 -7.22
N PRO C 187 6.19 9.36 -8.23
CA PRO C 187 7.61 9.57 -8.57
C PRO C 187 7.87 10.87 -9.38
N CYS C 188 9.13 11.28 -9.42
CA CYS C 188 9.58 12.37 -10.31
C CYS C 188 9.33 11.92 -11.76
N MET C 189 8.80 12.85 -12.53
CA MET C 189 8.54 12.66 -13.96
C MET C 189 9.87 12.35 -14.67
N ALA C 190 9.83 11.30 -15.52
CA ALA C 190 10.98 10.89 -16.35
C ALA C 190 12.13 10.24 -15.53
N PHE C 191 11.83 9.77 -14.32
CA PHE C 191 12.83 9.05 -13.50
C PHE C 191 12.50 7.54 -13.40
N SER C 192 12.08 6.91 -14.49
CA SER C 192 11.64 5.52 -14.38
CA SER C 192 11.67 5.50 -14.44
C SER C 192 12.73 4.58 -13.84
N LEU C 193 13.98 4.68 -14.32
CA LEU C 193 14.98 3.69 -13.82
C LEU C 193 15.30 3.82 -12.34
N TYR C 194 15.45 5.10 -11.93
CA TYR C 194 15.64 5.43 -10.50
C TYR C 194 14.48 4.85 -9.68
N ASN C 195 13.26 5.10 -10.15
CA ASN C 195 12.07 4.60 -9.44
C ASN C 195 12.00 3.08 -9.38
N MET C 196 12.34 2.43 -10.51
CA MET C 196 12.43 0.93 -10.52
C MET C 196 13.44 0.47 -9.48
N GLY C 197 14.60 1.16 -9.41
CA GLY C 197 15.69 0.80 -8.49
C GLY C 197 15.17 0.86 -7.04
N LYS C 198 14.51 1.98 -6.70
CA LYS C 198 13.99 2.17 -5.33
C LYS C 198 12.87 1.18 -4.97
N HIS C 199 11.98 0.89 -5.92
CA HIS C 199 10.99 -0.15 -5.71
C HIS C 199 11.64 -1.52 -5.47
N ALA C 200 12.62 -1.86 -6.32
CA ALA C 200 13.37 -3.13 -6.13
C ALA C 200 13.99 -3.16 -4.72
N LEU C 201 14.47 -1.99 -4.26
CA LEU C 201 15.05 -1.89 -2.90
C LEU C 201 14.00 -2.16 -1.80
N VAL C 202 12.76 -1.68 -1.99
CA VAL C 202 11.67 -2.10 -1.06
C VAL C 202 11.51 -3.64 -1.08
N GLY C 203 11.47 -4.21 -2.30
CA GLY C 203 11.39 -5.70 -2.47
C GLY C 203 12.51 -6.44 -1.72
N LEU C 204 13.74 -5.90 -1.84
CA LEU C 204 14.88 -6.56 -1.18
C LEU C 204 14.74 -6.48 0.34
N THR C 205 14.25 -5.33 0.83
CA THR C 205 14.07 -5.09 2.25
C THR C 205 13.10 -6.14 2.81
N GLN C 206 11.97 -6.35 2.12
CA GLN C 206 11.00 -7.33 2.56
C GLN C 206 11.55 -8.76 2.43
N SER C 207 12.10 -9.10 1.25
CA SER C 207 12.59 -10.49 1.02
C SER C 207 13.73 -10.86 1.98
N ALA C 208 14.65 -9.93 2.17
CA ALA C 208 15.79 -10.16 3.06
C ALA C 208 15.35 -10.20 4.56
N ALA C 209 14.42 -9.32 4.96
CA ALA C 209 13.87 -9.39 6.32
C ALA C 209 13.30 -10.79 6.56
N LEU C 210 12.49 -11.29 5.63
CA LEU C 210 11.89 -12.62 5.80
C LEU C 210 12.97 -13.72 5.92
N GLU C 211 13.92 -13.68 4.99
CA GLU C 211 14.87 -14.79 4.86
C GLU C 211 16.00 -14.75 5.91
N LEU C 212 16.32 -13.55 6.39
CA LEU C 212 17.42 -13.42 7.36
C LEU C 212 16.97 -13.39 8.83
N ALA C 213 15.66 -13.28 9.04
CA ALA C 213 15.07 -13.34 10.40
C ALA C 213 15.60 -14.53 11.21
N PRO C 214 15.61 -15.76 10.65
CA PRO C 214 16.16 -16.91 11.41
C PRO C 214 17.59 -16.75 11.92
N TYR C 215 18.41 -15.97 11.20
CA TYR C 215 19.78 -15.68 11.56
C TYR C 215 19.91 -14.52 12.56
N GLY C 216 18.77 -13.95 12.97
CA GLY C 216 18.79 -12.76 13.84
C GLY C 216 19.26 -11.46 13.16
N ILE C 217 19.19 -11.44 11.83
CA ILE C 217 19.57 -10.22 11.09
C ILE C 217 18.29 -9.47 10.72
N ARG C 218 18.09 -8.28 11.30
CA ARG C 218 16.93 -7.45 10.95
C ARG C 218 17.24 -6.62 9.68
N VAL C 219 16.22 -6.36 8.87
CA VAL C 219 16.40 -5.63 7.61
C VAL C 219 15.25 -4.64 7.50
N ASN C 220 15.62 -3.36 7.54
CA ASN C 220 14.65 -2.24 7.54
C ASN C 220 15.06 -1.13 6.56
N GLY C 221 14.20 -0.10 6.40
CA GLY C 221 14.51 0.98 5.54
C GLY C 221 14.11 2.32 6.17
N VAL C 222 14.75 3.39 5.68
CA VAL C 222 14.38 4.76 6.00
C VAL C 222 14.08 5.43 4.64
N ALA C 223 12.89 6.02 4.54
CA ALA C 223 12.43 6.64 3.28
C ALA C 223 12.33 8.16 3.41
N PRO C 224 13.37 8.90 3.04
CA PRO C 224 13.26 10.36 3.04
C PRO C 224 12.28 10.87 1.98
N GLY C 225 11.73 12.04 2.23
CA GLY C 225 10.92 12.73 1.21
C GLY C 225 11.87 13.68 0.48
N VAL C 226 11.87 14.93 0.89
CA VAL C 226 12.96 15.82 0.49
CA VAL C 226 12.94 15.85 0.50
C VAL C 226 13.88 16.05 1.68
N SER C 227 15.13 15.63 1.52
CA SER C 227 16.19 15.99 2.46
C SER C 227 17.14 16.98 1.75
N LEU C 228 18.46 16.84 1.95
CA LEU C 228 19.40 17.72 1.24
C LEU C 228 19.14 17.72 -0.27
N LEU C 229 18.88 18.88 -0.84
CA LEU C 229 18.51 18.93 -2.24
CA LEU C 229 18.52 18.99 -2.26
C LEU C 229 19.76 18.72 -3.13
N PRO C 230 19.54 18.29 -4.41
CA PRO C 230 20.72 18.06 -5.26
C PRO C 230 21.57 19.34 -5.43
N VAL C 231 22.89 19.17 -5.46
CA VAL C 231 23.79 20.31 -5.62
C VAL C 231 23.50 21.07 -6.93
N ALA C 232 23.16 20.32 -7.98
CA ALA C 232 22.82 20.87 -9.31
C ALA C 232 21.49 21.63 -9.38
N MET C 233 20.58 21.38 -8.44
CA MET C 233 19.28 22.01 -8.46
C MET C 233 19.41 23.50 -8.16
N GLY C 234 18.71 24.30 -8.96
CA GLY C 234 18.74 25.76 -8.77
C GLY C 234 17.93 26.13 -7.54
N GLU C 235 18.30 27.25 -6.91
CA GLU C 235 17.67 27.62 -5.64
CA GLU C 235 17.68 27.73 -5.66
C GLU C 235 16.16 27.91 -5.73
N GLU C 236 15.68 28.40 -6.87
CA GLU C 236 14.23 28.55 -7.10
C GLU C 236 13.49 27.20 -7.05
N GLU C 237 14.02 26.18 -7.71
CA GLU C 237 13.38 24.86 -7.70
C GLU C 237 13.46 24.23 -6.30
N LYS C 238 14.59 24.46 -5.60
CA LYS C 238 14.74 24.02 -4.20
C LYS C 238 13.64 24.61 -3.34
N ASP C 239 13.41 25.92 -3.47
CA ASP C 239 12.31 26.58 -2.74
C ASP C 239 10.93 26.06 -3.08
N LYS C 240 10.69 25.70 -4.35
CA LYS C 240 9.40 25.09 -4.75
C LYS C 240 9.15 23.77 -4.00
N TRP C 241 10.21 22.98 -3.85
CA TRP C 241 10.13 21.70 -3.10
C TRP C 241 9.89 21.94 -1.61
N ARG C 242 10.69 22.81 -1.00
CA ARG C 242 10.53 23.12 0.42
C ARG C 242 9.10 23.53 0.75
N ARG C 243 8.53 24.42 -0.07
CA ARG C 243 7.16 24.95 0.15
C ARG C 243 6.06 23.88 0.10
N LYS C 244 6.36 22.72 -0.47
CA LYS C 244 5.42 21.59 -0.54
C LYS C 244 5.31 20.82 0.78
N VAL C 245 6.28 21.02 1.69
CA VAL C 245 6.37 20.09 2.87
C VAL C 245 5.46 20.60 4.02
N PRO C 246 4.41 19.80 4.40
CA PRO C 246 3.48 20.32 5.43
C PRO C 246 4.17 20.70 6.75
N LEU C 247 5.10 19.85 7.19
CA LEU C 247 5.73 20.08 8.48
C LEU C 247 6.95 21.00 8.38
N GLY C 248 6.68 22.29 8.43
CA GLY C 248 7.72 23.33 8.46
C GLY C 248 8.21 23.91 7.15
N ARG C 249 7.64 23.45 6.04
CA ARG C 249 7.94 24.03 4.68
C ARG C 249 9.46 24.03 4.45
N ARG C 250 10.11 22.96 4.88
CA ARG C 250 11.57 22.83 4.70
C ARG C 250 11.93 21.38 4.50
N GLU C 251 13.13 21.18 3.93
CA GLU C 251 13.68 19.83 3.77
C GLU C 251 14.23 19.25 5.11
N ALA C 252 14.29 17.92 5.19
CA ALA C 252 14.92 17.27 6.35
C ALA C 252 16.40 17.53 6.33
N SER C 253 16.96 17.84 7.50
CA SER C 253 18.42 17.79 7.60
C SER C 253 18.93 16.32 7.41
N ALA C 254 20.20 16.21 7.02
CA ALA C 254 20.82 14.90 6.92
C ALA C 254 20.78 14.20 8.30
N GLU C 255 20.89 14.99 9.38
CA GLU C 255 20.90 14.45 10.74
CA GLU C 255 20.90 14.47 10.74
C GLU C 255 19.54 13.85 11.13
N GLN C 256 18.46 14.47 10.64
CA GLN C 256 17.11 13.96 10.89
C GLN C 256 16.91 12.59 10.20
N ILE C 257 17.43 12.45 8.99
CA ILE C 257 17.44 11.13 8.32
C ILE C 257 18.29 10.09 9.13
N ALA C 258 19.49 10.51 9.54
CA ALA C 258 20.37 9.64 10.33
C ALA C 258 19.73 9.17 11.64
N ASP C 259 18.97 10.05 12.29
CA ASP C 259 18.23 9.70 13.53
C ASP C 259 17.37 8.42 13.35
N ALA C 260 16.67 8.31 12.23
CA ALA C 260 15.82 7.14 11.99
C ALA C 260 16.66 5.86 11.78
N VAL C 261 17.79 6.01 11.08
CA VAL C 261 18.79 4.91 10.94
C VAL C 261 19.27 4.43 12.32
N ILE C 262 19.69 5.39 13.17
CA ILE C 262 20.18 5.09 14.52
C ILE C 262 19.12 4.34 15.35
N PHE C 263 17.86 4.77 15.25
CA PHE C 263 16.77 4.08 15.91
C PHE C 263 16.70 2.60 15.44
N LEU C 264 16.66 2.43 14.12
CA LEU C 264 16.50 1.12 13.52
C LEU C 264 17.65 0.15 13.86
N VAL C 265 18.87 0.67 14.02
CA VAL C 265 20.00 -0.23 14.39
C VAL C 265 20.08 -0.50 15.92
N SER C 266 19.36 0.31 16.73
CA SER C 266 19.45 0.29 18.17
C SER C 266 18.67 -0.89 18.79
N GLY C 267 18.93 -1.11 20.08
CA GLY C 267 18.19 -2.11 20.87
C GLY C 267 16.71 -1.73 21.06
N SER C 268 16.34 -0.46 20.80
CA SER C 268 14.91 -0.02 20.81
C SER C 268 14.10 -0.49 19.60
N ALA C 269 14.78 -1.16 18.66
CA ALA C 269 14.12 -1.65 17.42
C ALA C 269 14.32 -3.17 17.27
N GLN C 270 14.56 -3.88 18.39
CA GLN C 270 14.94 -5.30 18.30
C GLN C 270 13.89 -6.27 17.73
N TYR C 271 12.61 -5.85 17.76
CA TYR C 271 11.52 -6.64 17.17
C TYR C 271 11.09 -6.12 15.79
N ILE C 272 11.75 -5.07 15.31
CA ILE C 272 11.39 -4.41 14.04
C ILE C 272 12.21 -4.99 12.86
N THR C 273 11.52 -5.63 11.90
CA THR C 273 12.20 -6.07 10.70
C THR C 273 11.19 -6.02 9.54
N GLY C 274 11.68 -5.72 8.36
CA GLY C 274 10.79 -5.59 7.20
C GLY C 274 10.00 -4.28 7.21
N SER C 275 10.40 -3.31 8.05
CA SER C 275 9.72 -2.01 8.16
C SER C 275 10.49 -0.90 7.46
N ILE C 276 9.73 0.00 6.84
CA ILE C 276 10.32 1.15 6.19
C ILE C 276 9.73 2.40 6.86
N ILE C 277 10.59 3.20 7.51
CA ILE C 277 10.14 4.37 8.23
C ILE C 277 10.25 5.60 7.29
N LYS C 278 9.12 6.16 6.94
CA LYS C 278 9.03 7.44 6.19
CA LYS C 278 9.07 7.39 6.17
C LYS C 278 9.52 8.57 7.06
N VAL C 279 10.40 9.41 6.52
CA VAL C 279 10.85 10.61 7.24
C VAL C 279 10.71 11.78 6.24
N ASP C 280 9.48 12.26 6.06
CA ASP C 280 9.20 13.17 4.95
C ASP C 280 8.37 14.37 5.34
N GLY C 281 8.13 14.61 6.64
CA GLY C 281 7.39 15.82 7.08
C GLY C 281 6.00 15.94 6.47
N GLY C 282 5.44 14.77 6.07
CA GLY C 282 4.11 14.74 5.46
C GLY C 282 4.05 14.99 3.96
N LEU C 283 5.21 15.13 3.28
CA LEU C 283 5.24 15.42 1.85
C LEU C 283 4.41 14.42 1.00
N SER C 284 4.55 13.11 1.30
CA SER C 284 3.87 12.07 0.51
C SER C 284 2.34 12.09 0.71
N LEU C 285 1.87 12.83 1.72
CA LEU C 285 0.40 12.91 1.97
C LEU C 285 -0.31 13.99 1.11
N VAL C 286 0.48 14.80 0.41
CA VAL C 286 -0.03 15.99 -0.23
C VAL C 286 -0.46 15.67 -1.66
N HIS C 287 -1.74 15.84 -1.95
CA HIS C 287 -2.22 15.53 -3.31
C HIS C 287 -1.68 16.57 -4.36
N ALA C 288 -1.76 16.22 -5.65
CA ALA C 288 -1.41 17.12 -6.75
C ALA C 288 -2.13 18.46 -6.68
N GLU D 22 9.24 22.65 34.02
CA GLU D 22 7.91 22.03 33.74
C GLU D 22 8.14 20.78 32.85
N ALA D 23 7.80 19.61 33.39
CA ALA D 23 7.92 18.36 32.64
C ALA D 23 6.74 18.26 31.65
N PRO D 24 6.97 17.68 30.46
CA PRO D 24 5.82 17.55 29.53
C PRO D 24 4.80 16.55 30.08
N ALA D 25 3.61 16.51 29.46
CA ALA D 25 2.56 15.65 29.93
C ALA D 25 1.97 14.90 28.76
N ALA D 26 1.54 13.66 29.06
CA ALA D 26 0.99 12.74 28.05
C ALA D 26 -0.28 12.09 28.53
N VAL D 27 -1.23 11.92 27.60
CA VAL D 27 -2.41 11.12 27.83
C VAL D 27 -2.20 9.78 27.11
N VAL D 28 -2.39 8.66 27.83
CA VAL D 28 -2.39 7.34 27.22
C VAL D 28 -3.75 6.70 27.47
N THR D 29 -4.49 6.40 26.41
CA THR D 29 -5.78 5.69 26.65
C THR D 29 -5.59 4.18 26.89
N GLY D 30 -6.50 3.57 27.66
CA GLY D 30 -6.42 2.14 28.00
C GLY D 30 -5.05 1.79 28.59
N ALA D 31 -4.60 2.60 29.55
CA ALA D 31 -3.23 2.56 30.07
C ALA D 31 -3.09 1.71 31.34
N ALA D 32 -4.18 1.11 31.82
CA ALA D 32 -4.10 0.32 33.07
C ALA D 32 -3.33 -1.01 32.95
N LYS D 33 -3.34 -1.59 31.75
CA LYS D 33 -2.81 -2.94 31.57
C LYS D 33 -1.98 -3.04 30.28
N ARG D 34 -1.18 -4.11 30.19
CA ARG D 34 -0.64 -4.60 28.91
C ARG D 34 0.11 -3.50 28.14
N ILE D 35 -0.18 -3.32 26.85
CA ILE D 35 0.64 -2.38 26.07
C ILE D 35 0.52 -0.90 26.55
N GLY D 36 -0.72 -0.45 26.82
CA GLY D 36 -0.91 0.94 27.26
C GLY D 36 -0.15 1.20 28.57
N ARG D 37 -0.13 0.21 29.44
CA ARG D 37 0.62 0.33 30.68
C ARG D 37 2.12 0.51 30.41
N ALA D 38 2.68 -0.36 29.56
CA ALA D 38 4.10 -0.23 29.19
C ALA D 38 4.43 1.13 28.59
N ILE D 39 3.53 1.66 27.73
CA ILE D 39 3.70 2.99 27.17
C ILE D 39 3.70 4.06 28.27
N ALA D 40 2.71 3.99 29.18
CA ALA D 40 2.64 4.97 30.27
C ALA D 40 3.93 4.93 31.08
N VAL D 41 4.36 3.73 31.43
CA VAL D 41 5.59 3.57 32.21
C VAL D 41 6.83 4.14 31.51
N LYS D 42 7.01 3.82 30.23
CA LYS D 42 8.18 4.30 29.52
C LYS D 42 8.15 5.82 29.32
N LEU D 43 6.98 6.36 28.99
CA LEU D 43 6.85 7.82 28.91
C LEU D 43 7.25 8.49 30.24
N HIS D 44 6.75 7.93 31.34
CA HIS D 44 7.09 8.41 32.68
C HIS D 44 8.60 8.34 32.95
N GLN D 45 9.22 7.21 32.56
CA GLN D 45 10.66 7.03 32.76
C GLN D 45 11.48 8.04 31.96
N THR D 46 10.94 8.43 30.81
CA THR D 46 11.51 9.42 29.93
C THR D 46 11.33 10.86 30.47
N GLY D 47 10.49 11.04 31.49
CA GLY D 47 10.31 12.37 32.10
C GLY D 47 8.91 12.96 32.03
N TYR D 48 8.00 12.28 31.34
CA TYR D 48 6.61 12.75 31.22
C TYR D 48 5.79 12.57 32.49
N ARG D 49 4.90 13.53 32.71
CA ARG D 49 3.74 13.33 33.60
C ARG D 49 2.65 12.64 32.77
N VAL D 50 1.86 11.77 33.40
CA VAL D 50 0.93 10.91 32.63
C VAL D 50 -0.51 10.92 33.17
N VAL D 51 -1.48 11.01 32.23
CA VAL D 51 -2.87 10.68 32.51
C VAL D 51 -3.06 9.22 32.06
N ILE D 52 -3.44 8.38 33.01
CA ILE D 52 -3.68 6.97 32.80
C ILE D 52 -5.17 6.85 32.61
N HIS D 53 -5.61 6.83 31.35
CA HIS D 53 -7.01 6.62 31.11
C HIS D 53 -7.35 5.11 31.21
N TYR D 54 -8.56 4.81 31.68
CA TYR D 54 -9.03 3.44 31.78
C TYR D 54 -10.56 3.44 31.65
N HIS D 55 -11.13 2.27 31.45
CA HIS D 55 -12.57 2.14 31.38
C HIS D 55 -13.04 1.26 32.57
N ASN D 56 -12.77 -0.03 32.54
CA ASN D 56 -13.20 -0.92 33.62
C ASN D 56 -12.08 -1.26 34.63
N SER D 57 -10.82 -1.05 34.25
CA SER D 57 -9.73 -1.54 35.09
C SER D 57 -9.25 -0.50 36.12
N ALA D 58 -10.13 -0.19 37.07
CA ALA D 58 -9.89 0.85 38.07
C ALA D 58 -8.77 0.53 39.06
N GLU D 59 -8.79 -0.69 39.61
CA GLU D 59 -7.75 -1.14 40.55
C GLU D 59 -6.35 -1.05 39.91
N ALA D 60 -6.21 -1.68 38.73
CA ALA D 60 -4.98 -1.62 37.93
C ALA D 60 -4.54 -0.16 37.63
N ALA D 61 -5.48 0.69 37.22
CA ALA D 61 -5.14 2.09 36.87
C ALA D 61 -4.58 2.86 38.09
N VAL D 62 -5.30 2.78 39.20
CA VAL D 62 -4.93 3.39 40.47
C VAL D 62 -3.60 2.81 41.00
N SER D 63 -3.43 1.50 40.88
CA SER D 63 -2.18 0.86 41.28
C SER D 63 -0.98 1.37 40.46
N LEU D 64 -1.18 1.53 39.16
CA LEU D 64 -0.13 2.09 38.29
C LEU D 64 0.20 3.54 38.71
N ALA D 65 -0.84 4.37 38.90
CA ALA D 65 -0.65 5.79 39.25
C ALA D 65 0.13 5.94 40.57
N ASP D 66 -0.22 5.09 41.54
CA ASP D 66 0.51 4.95 42.84
C ASP D 66 1.99 4.67 42.64
N GLU D 67 2.31 3.67 41.81
CA GLU D 67 3.70 3.35 41.50
C GLU D 67 4.47 4.52 40.90
N LEU D 68 3.88 5.17 39.90
CA LEU D 68 4.53 6.31 39.21
C LEU D 68 4.74 7.49 40.16
N ASN D 69 3.72 7.77 40.97
CA ASN D 69 3.81 8.90 41.90
C ASN D 69 4.80 8.66 43.04
N LYS D 70 4.90 7.40 43.48
CA LYS D 70 5.95 6.98 44.45
C LYS D 70 7.34 7.31 43.90
N GLU D 71 7.52 7.12 42.59
CA GLU D 71 8.79 7.40 41.91
C GLU D 71 9.04 8.92 41.77
N ARG D 72 8.04 9.66 41.30
CA ARG D 72 8.08 11.13 41.29
C ARG D 72 6.70 11.65 41.66
N SER D 73 6.59 12.35 42.79
CA SER D 73 5.27 12.80 43.27
C SER D 73 4.56 13.74 42.27
N ASN D 74 3.25 13.65 42.22
CA ASN D 74 2.42 14.53 41.36
C ASN D 74 2.74 14.41 39.87
N THR D 75 3.04 13.18 39.43
CA THR D 75 3.35 12.97 38.01
C THR D 75 2.37 12.01 37.29
N ALA D 76 1.33 11.56 37.99
CA ALA D 76 0.38 10.62 37.38
C ALA D 76 -1.00 10.85 37.96
N VAL D 77 -2.00 10.83 37.08
CA VAL D 77 -3.42 10.81 37.51
C VAL D 77 -4.16 9.77 36.67
N VAL D 78 -5.29 9.27 37.18
CA VAL D 78 -6.20 8.41 36.38
C VAL D 78 -7.40 9.21 35.85
N CYS D 79 -8.01 8.70 34.79
CA CYS D 79 -9.17 9.33 34.18
C CYS D 79 -10.02 8.23 33.60
N GLN D 80 -11.23 8.07 34.15
CA GLN D 80 -12.12 6.99 33.69
C GLN D 80 -13.01 7.51 32.55
N ALA D 81 -13.15 6.72 31.50
CA ALA D 81 -14.09 7.07 30.43
C ALA D 81 -14.38 5.87 29.53
N ASP D 82 -15.64 5.73 29.15
CA ASP D 82 -16.06 4.76 28.14
C ASP D 82 -15.87 5.40 26.75
N LEU D 83 -15.15 4.72 25.83
CA LEU D 83 -14.82 5.27 24.49
C LEU D 83 -15.69 4.64 23.38
N THR D 84 -16.75 3.94 23.81
CA THR D 84 -17.79 3.43 22.91
C THR D 84 -18.39 4.64 22.19
N ASN D 85 -18.70 4.47 20.90
CA ASN D 85 -19.35 5.57 20.20
C ASN D 85 -20.76 5.84 20.80
N SER D 86 -21.10 7.14 20.88
CA SER D 86 -22.41 7.63 21.34
C SER D 86 -22.47 9.16 21.16
N ASN D 87 -23.61 9.77 21.41
CA ASN D 87 -23.69 11.22 21.34
C ASN D 87 -22.93 11.97 22.45
N VAL D 88 -22.48 11.23 23.47
N VAL D 88 -22.52 11.20 23.47
CA VAL D 88 -21.68 11.85 24.54
CA VAL D 88 -21.75 11.75 24.59
C VAL D 88 -20.20 11.50 24.45
C VAL D 88 -20.24 11.56 24.39
N LEU D 89 -19.85 10.64 23.49
CA LEU D 89 -18.42 10.38 23.21
C LEU D 89 -17.59 11.69 23.05
N PRO D 90 -18.07 12.69 22.25
CA PRO D 90 -17.28 13.95 22.19
C PRO D 90 -16.96 14.60 23.52
N ALA D 91 -17.96 14.68 24.43
CA ALA D 91 -17.74 15.22 25.76
C ALA D 91 -16.76 14.38 26.59
N SER D 92 -16.89 13.05 26.56
CA SER D 92 -15.94 12.19 27.27
C SER D 92 -14.49 12.40 26.78
N CYS D 93 -14.33 12.55 25.47
CA CYS D 93 -12.99 12.78 24.88
C CYS D 93 -12.44 14.14 25.25
N GLU D 94 -13.31 15.15 25.21
CA GLU D 94 -12.95 16.46 25.67
C GLU D 94 -12.49 16.42 27.12
N GLU D 95 -13.21 15.66 27.96
CA GLU D 95 -12.89 15.52 29.38
C GLU D 95 -11.52 14.86 29.64
N ILE D 96 -11.19 13.84 28.84
CA ILE D 96 -9.89 13.19 28.96
C ILE D 96 -8.76 14.20 28.74
N ILE D 97 -8.89 15.00 27.68
CA ILE D 97 -7.86 16.02 27.40
C ILE D 97 -7.85 17.09 28.52
N ASN D 98 -9.04 17.54 28.92
CA ASN D 98 -9.16 18.51 30.01
C ASN D 98 -8.49 18.02 31.29
N SER D 99 -8.60 16.71 31.57
CA SER D 99 -8.00 16.13 32.77
CA SER D 99 -8.00 16.14 32.77
C SER D 99 -6.48 16.32 32.79
N CYS D 100 -5.86 16.26 31.62
CA CYS D 100 -4.43 16.47 31.49
C CYS D 100 -4.10 17.91 31.81
N PHE D 101 -4.85 18.85 31.22
CA PHE D 101 -4.61 20.28 31.55
C PHE D 101 -4.91 20.59 33.02
N ARG D 102 -5.94 19.96 33.57
CA ARG D 102 -6.30 20.22 34.96
C ARG D 102 -5.19 19.73 35.89
N ALA D 103 -4.64 18.55 35.62
CA ALA D 103 -3.58 17.97 36.49
C ALA D 103 -2.21 18.63 36.28
N PHE D 104 -1.87 18.90 35.00
CA PHE D 104 -0.49 19.23 34.64
C PHE D 104 -0.29 20.58 33.94
N GLY D 105 -1.39 21.24 33.57
CA GLY D 105 -1.35 22.56 32.94
C GLY D 105 -0.94 22.57 31.47
N ARG D 106 -0.80 21.39 30.88
CA ARG D 106 -0.36 21.23 29.50
C ARG D 106 -0.64 19.81 29.04
N CYS D 107 -0.62 19.63 27.72
CA CYS D 107 -0.80 18.30 27.13
C CYS D 107 0.01 18.24 25.84
N ASP D 108 1.12 17.51 25.92
CA ASP D 108 2.12 17.43 24.83
C ASP D 108 1.97 16.22 23.92
N VAL D 109 1.51 15.11 24.50
CA VAL D 109 1.46 13.85 23.79
C VAL D 109 0.11 13.20 24.03
N LEU D 110 -0.51 12.69 22.96
CA LEU D 110 -1.70 11.83 23.07
C LEU D 110 -1.34 10.48 22.46
N VAL D 111 -1.55 9.39 23.21
CA VAL D 111 -1.41 8.03 22.69
C VAL D 111 -2.76 7.32 22.65
N ASN D 112 -3.23 7.05 21.43
CA ASN D 112 -4.48 6.37 21.21
C ASN D 112 -4.26 4.86 21.19
N ASN D 113 -4.43 4.25 22.37
CA ASN D 113 -4.11 2.84 22.62
C ASN D 113 -5.36 2.00 22.93
N ALA D 114 -6.34 2.58 23.66
CA ALA D 114 -7.54 1.81 24.04
C ALA D 114 -8.22 1.17 22.83
N SER D 115 -8.66 -0.07 22.98
CA SER D 115 -9.20 -0.76 21.80
C SER D 115 -10.04 -1.95 22.16
N ALA D 116 -11.25 -2.01 21.58
CA ALA D 116 -12.05 -3.24 21.65
C ALA D 116 -11.61 -4.20 20.53
N PHE D 117 -11.64 -5.50 20.83
CA PHE D 117 -11.14 -6.49 19.88
C PHE D 117 -11.88 -7.79 20.09
N TYR D 118 -12.76 -8.13 19.15
CA TYR D 118 -13.56 -9.36 19.23
C TYR D 118 -14.24 -9.63 17.86
N PRO D 119 -14.56 -10.89 17.56
CA PRO D 119 -15.16 -11.11 16.24
C PRO D 119 -16.59 -10.61 16.09
N THR D 120 -16.94 -10.32 14.84
CA THR D 120 -18.26 -9.83 14.48
C THR D 120 -18.55 -10.49 13.13
N PRO D 121 -18.94 -11.79 13.15
CA PRO D 121 -19.17 -12.52 11.88
C PRO D 121 -20.26 -11.90 11.04
N LEU D 122 -20.03 -11.90 9.71
CA LEU D 122 -21.03 -11.39 8.74
C LEU D 122 -22.25 -12.32 8.63
N VAL D 123 -22.04 -13.62 8.87
CA VAL D 123 -23.10 -14.65 8.74
C VAL D 123 -23.17 -15.50 10.01
N GLY D 133 -23.58 -11.69 23.25
CA GLY D 133 -24.97 -11.29 23.46
C GLY D 133 -25.26 -9.88 23.01
N LYS D 134 -24.25 -9.24 22.42
CA LYS D 134 -24.34 -7.85 21.99
C LYS D 134 -25.11 -7.69 20.69
N THR D 135 -25.90 -6.62 20.61
CA THR D 135 -26.56 -6.27 19.35
C THR D 135 -25.48 -5.74 18.37
N VAL D 136 -25.83 -5.75 17.09
CA VAL D 136 -24.90 -5.23 16.09
C VAL D 136 -24.60 -3.72 16.27
N GLU D 137 -25.61 -2.98 16.77
CA GLU D 137 -25.46 -1.56 17.07
C GLU D 137 -24.35 -1.37 18.08
N THR D 138 -24.39 -2.21 19.12
CA THR D 138 -23.37 -2.15 20.17
C THR D 138 -21.98 -2.53 19.65
N GLN D 139 -21.92 -3.57 18.83
CA GLN D 139 -20.65 -3.98 18.24
CA GLN D 139 -20.68 -4.02 18.17
C GLN D 139 -20.06 -2.88 17.35
N VAL D 140 -20.89 -2.23 16.52
CA VAL D 140 -20.39 -1.08 15.74
C VAL D 140 -19.89 0.03 16.68
N ALA D 141 -20.69 0.39 17.69
CA ALA D 141 -20.31 1.44 18.61
C ALA D 141 -19.00 1.20 19.35
N GLU D 142 -18.82 -0.02 19.85
CA GLU D 142 -17.61 -0.37 20.64
C GLU D 142 -16.39 -0.47 19.76
N LEU D 143 -16.54 -1.21 18.65
CA LEU D 143 -15.36 -1.47 17.76
C LEU D 143 -14.93 -0.26 16.93
N ILE D 144 -15.88 0.43 16.34
CA ILE D 144 -15.57 1.63 15.59
C ILE D 144 -15.28 2.81 16.54
N GLY D 145 -16.02 2.90 17.66
CA GLY D 145 -15.79 3.95 18.68
C GLY D 145 -14.35 3.96 19.24
N THR D 146 -13.95 2.83 19.83
CA THR D 146 -12.64 2.77 20.49
C THR D 146 -11.48 2.91 19.47
N ASN D 147 -11.61 2.23 18.33
CA ASN D 147 -10.50 2.14 17.38
C ASN D 147 -10.34 3.34 16.46
N ALA D 148 -11.43 4.10 16.28
CA ALA D 148 -11.40 5.16 15.28
C ALA D 148 -12.07 6.46 15.73
N ILE D 149 -13.32 6.41 16.20
CA ILE D 149 -14.01 7.66 16.50
CA ILE D 149 -14.06 7.63 16.55
C ILE D 149 -13.48 8.36 17.75
N ALA D 150 -13.24 7.60 18.82
CA ALA D 150 -12.59 8.20 20.01
C ALA D 150 -11.21 8.82 19.65
N PRO D 151 -10.33 8.07 18.95
CA PRO D 151 -9.09 8.75 18.53
C PRO D 151 -9.33 10.05 17.76
N PHE D 152 -10.33 10.05 16.88
CA PHE D 152 -10.62 11.26 16.12
C PHE D 152 -11.03 12.43 17.07
N LEU D 153 -11.95 12.19 17.98
CA LEU D 153 -12.45 13.24 18.89
C LEU D 153 -11.35 13.70 19.88
N LEU D 154 -10.55 12.72 20.31
CA LEU D 154 -9.41 13.01 21.18
C LEU D 154 -8.36 13.89 20.45
N THR D 155 -8.15 13.59 19.17
CA THR D 155 -7.26 14.38 18.31
C THR D 155 -7.80 15.82 18.17
N MET D 156 -9.11 15.94 17.87
CA MET D 156 -9.79 17.23 17.81
CA MET D 156 -9.82 17.22 17.84
C MET D 156 -9.61 18.02 19.13
N SER D 157 -9.93 17.38 20.26
CA SER D 157 -9.81 18.07 21.55
C SER D 157 -8.36 18.47 21.85
N PHE D 158 -7.44 17.57 21.55
CA PHE D 158 -6.01 17.82 21.74
C PHE D 158 -5.58 19.05 20.95
N ALA D 159 -5.93 19.08 19.66
CA ALA D 159 -5.51 20.19 18.77
C ALA D 159 -6.15 21.52 19.20
N GLN D 160 -7.43 21.46 19.56
CA GLN D 160 -8.18 22.66 19.92
C GLN D 160 -7.65 23.27 21.20
N ARG D 161 -7.17 22.42 22.13
CA ARG D 161 -6.60 22.91 23.38
C ARG D 161 -5.20 23.53 23.23
N GLN D 162 -4.53 23.25 22.12
CA GLN D 162 -3.19 23.82 21.89
C GLN D 162 -3.27 25.26 21.39
N SER D 172 8.32 23.53 21.67
CA SER D 172 7.48 22.39 22.03
C SER D 172 7.60 21.23 21.02
N ASN D 173 7.25 20.05 21.50
CA ASN D 173 7.31 18.87 20.66
C ASN D 173 6.01 18.15 20.88
N LEU D 174 4.97 18.69 20.23
CA LEU D 174 3.63 18.07 20.30
C LEU D 174 3.47 16.92 19.32
N SER D 175 2.92 15.82 19.79
CA SER D 175 2.61 14.71 18.87
C SER D 175 1.54 13.74 19.35
N ILE D 176 0.99 13.03 18.37
CA ILE D 176 -0.02 12.01 18.64
C ILE D 176 0.54 10.68 18.11
N VAL D 177 0.35 9.61 18.85
CA VAL D 177 0.73 8.26 18.35
C VAL D 177 -0.49 7.34 18.46
N ASN D 178 -0.89 6.81 17.30
CA ASN D 178 -2.04 5.90 17.19
C ASN D 178 -1.56 4.44 17.16
N LEU D 179 -2.09 3.61 18.05
CA LEU D 179 -1.80 2.15 18.03
C LEU D 179 -2.64 1.47 16.95
N CYS D 180 -1.95 1.13 15.86
CA CYS D 180 -2.53 0.56 14.64
C CYS D 180 -2.41 -0.97 14.66
N ASP D 181 -2.28 -1.62 13.50
CA ASP D 181 -2.24 -3.11 13.52
C ASP D 181 -1.54 -3.51 12.21
N ALA D 182 -0.43 -4.24 12.32
CA ALA D 182 0.37 -4.60 11.14
C ALA D 182 -0.40 -5.53 10.18
N MET D 183 -1.48 -6.14 10.69
CA MET D 183 -2.20 -7.16 9.95
C MET D 183 -3.46 -6.68 9.28
N VAL D 184 -3.58 -5.36 9.11
CA VAL D 184 -4.80 -4.74 8.59
CA VAL D 184 -4.82 -4.76 8.58
C VAL D 184 -5.17 -5.26 7.16
N ASP D 185 -4.15 -5.64 6.38
CA ASP D 185 -4.37 -6.13 5.02
C ASP D 185 -4.44 -7.66 4.92
N GLN D 186 -4.24 -8.33 6.05
CA GLN D 186 -4.32 -9.80 6.15
C GLN D 186 -5.08 -10.09 7.43
N PRO D 187 -6.35 -9.62 7.49
CA PRO D 187 -7.06 -9.53 8.76
C PRO D 187 -7.43 -10.91 9.37
N CYS D 188 -7.70 -10.93 10.68
CA CYS D 188 -8.32 -12.15 11.32
C CYS D 188 -9.69 -12.46 10.72
N MET D 189 -9.96 -13.75 10.49
CA MET D 189 -11.27 -14.23 10.00
C MET D 189 -12.39 -13.70 10.90
N ALA D 190 -13.42 -13.09 10.31
CA ALA D 190 -14.63 -12.64 11.03
C ALA D 190 -14.46 -11.44 11.96
N PHE D 191 -13.40 -10.65 11.74
CA PHE D 191 -13.13 -9.44 12.52
C PHE D 191 -13.41 -8.20 11.68
N SER D 192 -14.46 -8.19 10.83
CA SER D 192 -14.62 -7.03 9.93
CA SER D 192 -14.68 -7.05 9.93
C SER D 192 -14.74 -5.71 10.66
N LEU D 193 -15.56 -5.62 11.73
CA LEU D 193 -15.70 -4.27 12.35
C LEU D 193 -14.40 -3.77 12.98
N TYR D 194 -13.70 -4.67 13.66
CA TYR D 194 -12.37 -4.35 14.20
C TYR D 194 -11.42 -3.84 13.07
N ASN D 195 -11.37 -4.58 11.98
CA ASN D 195 -10.51 -4.21 10.82
CA ASN D 195 -10.51 -4.17 10.86
C ASN D 195 -10.88 -2.84 10.21
N MET D 196 -12.18 -2.60 10.05
CA MET D 196 -12.69 -1.33 9.60
C MET D 196 -12.18 -0.23 10.55
N GLY D 197 -12.30 -0.47 11.87
CA GLY D 197 -11.84 0.53 12.86
C GLY D 197 -10.35 0.83 12.68
N LYS D 198 -9.52 -0.21 12.60
CA LYS D 198 -8.07 -0.01 12.39
C LYS D 198 -7.72 0.65 11.05
N HIS D 199 -8.40 0.30 9.97
CA HIS D 199 -8.21 1.00 8.70
C HIS D 199 -8.59 2.49 8.84
N ALA D 200 -9.71 2.77 9.51
CA ALA D 200 -10.11 4.17 9.69
C ALA D 200 -9.03 4.92 10.50
N LEU D 201 -8.37 4.22 11.41
CA LEU D 201 -7.31 4.83 12.23
C LEU D 201 -6.06 5.20 11.38
N VAL D 202 -5.74 4.35 10.39
CA VAL D 202 -4.69 4.67 9.41
C VAL D 202 -5.10 5.97 8.69
N GLY D 203 -6.36 6.04 8.23
CA GLY D 203 -6.89 7.23 7.56
C GLY D 203 -6.78 8.45 8.43
N LEU D 204 -7.11 8.29 9.72
CA LEU D 204 -7.03 9.42 10.68
C LEU D 204 -5.58 9.88 10.86
N THR D 205 -4.67 8.93 10.94
CA THR D 205 -3.24 9.26 11.10
C THR D 205 -2.75 10.16 9.94
N GLN D 206 -3.13 9.81 8.71
CA GLN D 206 -2.70 10.51 7.52
C GLN D 206 -3.37 11.88 7.49
N SER D 207 -4.73 11.88 7.62
CA SER D 207 -5.50 13.14 7.51
C SER D 207 -5.08 14.15 8.60
N ALA D 208 -4.90 13.66 9.82
CA ALA D 208 -4.53 14.53 10.93
C ALA D 208 -3.06 15.01 10.79
N ALA D 209 -2.15 14.12 10.36
CA ALA D 209 -0.76 14.52 10.11
C ALA D 209 -0.77 15.70 9.11
N LEU D 210 -1.53 15.52 8.02
CA LEU D 210 -1.62 16.61 7.00
C LEU D 210 -2.12 17.97 7.56
N GLU D 211 -3.24 17.93 8.27
CA GLU D 211 -3.98 19.12 8.71
C GLU D 211 -3.34 19.86 9.91
N LEU D 212 -2.69 19.08 10.79
CA LEU D 212 -2.07 19.60 12.00
C LEU D 212 -0.59 19.96 11.86
N ALA D 213 0.03 19.56 10.72
CA ALA D 213 1.42 19.93 10.46
C ALA D 213 1.68 21.47 10.62
N PRO D 214 0.82 22.34 10.06
CA PRO D 214 1.04 23.81 10.27
C PRO D 214 1.02 24.27 11.75
N TYR D 215 0.42 23.47 12.63
CA TYR D 215 0.45 23.74 14.10
C TYR D 215 1.63 23.07 14.83
N GLY D 216 2.53 22.41 14.09
CA GLY D 216 3.66 21.71 14.72
C GLY D 216 3.26 20.45 15.50
N ILE D 217 2.06 19.92 15.21
CA ILE D 217 1.66 18.68 15.88
C ILE D 217 1.88 17.51 14.88
N ARG D 218 2.79 16.62 15.23
CA ARG D 218 3.08 15.41 14.39
C ARG D 218 2.10 14.27 14.77
N VAL D 219 1.71 13.45 13.79
CA VAL D 219 0.72 12.40 14.01
C VAL D 219 1.25 11.14 13.33
N ASN D 220 1.50 10.10 14.13
CA ASN D 220 2.14 8.88 13.63
C ASN D 220 1.45 7.68 14.25
N GLY D 221 1.86 6.48 13.84
CA GLY D 221 1.33 5.27 14.39
C GLY D 221 2.39 4.20 14.65
N VAL D 222 2.05 3.26 15.52
CA VAL D 222 2.83 2.05 15.74
C VAL D 222 1.91 0.88 15.49
N ALA D 223 2.37 -0.07 14.68
CA ALA D 223 1.53 -1.18 14.23
C ALA D 223 2.14 -2.52 14.70
N PRO D 224 1.69 -3.01 15.86
CA PRO D 224 2.14 -4.35 16.31
C PRO D 224 1.63 -5.46 15.38
N GLY D 225 2.37 -6.60 15.33
CA GLY D 225 1.85 -7.81 14.69
C GLY D 225 1.18 -8.65 15.77
N VAL D 226 1.93 -9.59 16.33
CA VAL D 226 1.54 -10.33 17.52
CA VAL D 226 1.49 -10.23 17.55
C VAL D 226 2.37 -9.77 18.70
N SER D 227 1.70 -9.15 19.67
CA SER D 227 2.32 -8.74 20.92
C SER D 227 1.60 -9.51 22.02
N LEU D 228 1.37 -8.93 23.19
CA LEU D 228 0.70 -9.69 24.28
C LEU D 228 -0.58 -10.33 23.78
N LEU D 229 -0.65 -11.65 23.90
CA LEU D 229 -1.83 -12.36 23.36
C LEU D 229 -3.09 -12.13 24.25
N PRO D 230 -4.30 -12.35 23.69
CA PRO D 230 -5.52 -12.18 24.49
C PRO D 230 -5.52 -13.09 25.71
N VAL D 231 -5.95 -12.52 26.85
CA VAL D 231 -6.02 -13.27 28.12
C VAL D 231 -6.92 -14.51 27.95
N ALA D 232 -7.97 -14.37 27.14
CA ALA D 232 -8.94 -15.42 26.88
C ALA D 232 -8.43 -16.50 25.89
N MET D 233 -7.32 -16.21 25.22
CA MET D 233 -6.77 -17.17 24.25
C MET D 233 -6.11 -18.37 24.94
N GLY D 234 -6.44 -19.57 24.47
CA GLY D 234 -5.86 -20.82 25.01
C GLY D 234 -4.37 -20.90 24.67
N GLU D 235 -3.59 -21.63 25.46
CA GLU D 235 -2.14 -21.62 25.29
CA GLU D 235 -2.12 -21.63 25.28
C GLU D 235 -1.68 -22.24 23.95
N GLU D 236 -2.42 -23.27 23.48
CA GLU D 236 -2.14 -23.94 22.19
C GLU D 236 -2.23 -22.94 21.04
N GLU D 237 -3.27 -22.13 21.06
CA GLU D 237 -3.47 -21.05 20.10
C GLU D 237 -2.36 -19.97 20.16
N LYS D 238 -1.98 -19.53 21.36
CA LYS D 238 -0.89 -18.53 21.50
C LYS D 238 0.38 -19.07 20.82
N ASP D 239 0.68 -20.35 21.10
CA ASP D 239 1.86 -21.00 20.53
C ASP D 239 1.84 -21.09 18.99
N LYS D 240 0.68 -21.40 18.43
CA LYS D 240 0.49 -21.34 16.97
C LYS D 240 0.91 -19.96 16.40
N TRP D 241 0.43 -18.89 17.03
CA TRP D 241 0.77 -17.52 16.63
C TRP D 241 2.27 -17.23 16.73
N ARG D 242 2.86 -17.61 17.86
CA ARG D 242 4.27 -17.39 18.11
C ARG D 242 5.13 -18.01 17.01
N ARG D 243 4.79 -19.24 16.65
CA ARG D 243 5.52 -20.02 15.63
C ARG D 243 5.53 -19.37 14.24
N LYS D 244 4.59 -18.45 14.01
CA LYS D 244 4.45 -17.75 12.73
C LYS D 244 5.45 -16.59 12.56
N VAL D 245 6.06 -16.15 13.68
CA VAL D 245 6.83 -14.87 13.62
C VAL D 245 8.27 -15.22 13.23
N PRO D 246 8.71 -14.76 12.05
CA PRO D 246 10.08 -15.10 11.59
C PRO D 246 11.19 -14.68 12.57
N LEU D 247 11.06 -13.47 13.15
CA LEU D 247 12.09 -12.91 14.04
C LEU D 247 11.91 -13.42 15.46
N GLY D 248 12.43 -14.62 15.71
CA GLY D 248 12.44 -15.20 17.07
C GLY D 248 11.27 -16.09 17.48
N ARG D 249 10.27 -16.25 16.60
CA ARG D 249 9.16 -17.14 16.88
C ARG D 249 8.50 -16.87 18.26
N ARG D 250 8.31 -15.60 18.55
CA ARG D 250 7.74 -15.12 19.79
C ARG D 250 7.02 -13.83 19.52
N GLU D 251 6.03 -13.50 20.37
CA GLU D 251 5.33 -12.22 20.30
C GLU D 251 6.22 -11.07 20.83
N ALA D 252 5.90 -9.83 20.41
CA ALA D 252 6.57 -8.65 20.96
C ALA D 252 6.18 -8.49 22.42
N SER D 253 7.14 -8.09 23.26
CA SER D 253 6.77 -7.60 24.58
C SER D 253 6.06 -6.25 24.48
N ALA D 254 5.32 -5.92 25.53
CA ALA D 254 4.70 -4.60 25.61
C ALA D 254 5.77 -3.50 25.54
N GLU D 255 6.94 -3.77 26.16
CA GLU D 255 8.06 -2.85 26.21
C GLU D 255 8.63 -2.54 24.82
N GLN D 256 8.69 -3.55 23.95
CA GLN D 256 9.18 -3.39 22.56
C GLN D 256 8.23 -2.55 21.74
N ILE D 257 6.92 -2.73 21.96
CA ILE D 257 5.93 -1.81 21.35
C ILE D 257 6.13 -0.38 21.88
N ALA D 258 6.22 -0.24 23.20
CA ALA D 258 6.46 1.09 23.84
C ALA D 258 7.70 1.80 23.29
N ASP D 259 8.76 1.04 23.00
CA ASP D 259 10.01 1.63 22.48
C ASP D 259 9.74 2.42 21.17
N ALA D 260 8.87 1.91 20.28
CA ALA D 260 8.59 2.61 19.02
C ALA D 260 7.75 3.87 19.29
N VAL D 261 6.82 3.78 20.26
CA VAL D 261 6.07 4.96 20.70
C VAL D 261 7.01 6.04 21.24
N ILE D 262 7.97 5.66 22.10
CA ILE D 262 8.83 6.70 22.65
C ILE D 262 9.76 7.30 21.57
N PHE D 263 10.18 6.48 20.61
CA PHE D 263 10.93 7.04 19.47
C PHE D 263 10.09 8.12 18.76
N LEU D 264 8.84 7.82 18.43
CA LEU D 264 8.00 8.77 17.66
C LEU D 264 7.69 10.10 18.38
N VAL D 265 7.61 10.03 19.71
CA VAL D 265 7.36 11.25 20.50
C VAL D 265 8.61 12.10 20.74
N SER D 266 9.78 11.48 20.50
CA SER D 266 11.08 12.04 20.89
C SER D 266 11.56 13.07 19.89
N GLY D 267 12.59 13.83 20.31
CA GLY D 267 13.28 14.75 19.41
C GLY D 267 13.95 14.11 18.20
N SER D 268 14.15 12.79 18.21
CA SER D 268 14.83 12.08 17.09
C SER D 268 13.84 11.77 15.97
N ALA D 269 12.56 12.16 16.19
CA ALA D 269 11.50 11.95 15.17
C ALA D 269 10.85 13.28 14.73
N GLN D 270 11.57 14.39 14.91
CA GLN D 270 10.98 15.73 14.70
C GLN D 270 10.53 16.00 13.27
N TYR D 271 11.04 15.25 12.28
CA TYR D 271 10.58 15.45 10.89
C TYR D 271 9.59 14.34 10.44
N ILE D 272 9.22 13.46 11.36
CA ILE D 272 8.40 12.33 11.03
C ILE D 272 6.95 12.67 11.34
N THR D 273 6.10 12.71 10.29
CA THR D 273 4.66 12.81 10.53
C THR D 273 3.88 12.05 9.44
N GLY D 274 2.80 11.36 9.84
CA GLY D 274 2.02 10.53 8.88
C GLY D 274 2.66 9.16 8.63
N SER D 275 3.60 8.73 9.49
CA SER D 275 4.28 7.45 9.33
C SER D 275 3.72 6.45 10.34
N ILE D 276 3.63 5.20 9.91
CA ILE D 276 3.23 4.11 10.79
C ILE D 276 4.37 3.12 10.80
N ILE D 277 4.90 2.88 12.00
CA ILE D 277 6.04 1.99 12.12
C ILE D 277 5.52 0.60 12.51
N LYS D 278 5.71 -0.38 11.63
CA LYS D 278 5.41 -1.80 11.93
CA LYS D 278 5.39 -1.76 11.91
C LYS D 278 6.40 -2.33 12.93
N VAL D 279 5.90 -3.01 13.97
CA VAL D 279 6.75 -3.61 14.98
C VAL D 279 6.22 -5.05 15.10
N ASP D 280 6.54 -5.86 14.09
CA ASP D 280 5.87 -7.17 13.95
C ASP D 280 6.81 -8.37 13.77
N GLY D 281 8.12 -8.19 13.92
CA GLY D 281 9.09 -9.33 13.72
C GLY D 281 9.00 -10.07 12.39
N GLY D 282 8.48 -9.39 11.35
CA GLY D 282 8.35 -9.99 10.04
C GLY D 282 7.04 -10.70 9.76
N LEU D 283 6.13 -10.69 10.74
CA LEU D 283 4.91 -11.53 10.64
C LEU D 283 4.09 -11.23 9.36
N SER D 284 3.92 -9.94 9.06
CA SER D 284 3.08 -9.52 7.92
C SER D 284 3.75 -9.87 6.57
N LEU D 285 5.01 -10.20 6.60
CA LEU D 285 5.72 -10.64 5.38
C LEU D 285 5.48 -12.13 4.98
N VAL D 286 4.86 -12.93 5.85
CA VAL D 286 4.77 -14.38 5.67
C VAL D 286 3.49 -14.75 4.93
N HIS D 287 3.63 -15.38 3.79
CA HIS D 287 2.46 -15.75 3.00
C HIS D 287 1.66 -16.86 3.72
N ALA D 288 0.46 -17.12 3.22
CA ALA D 288 -0.47 -18.09 3.81
C ALA D 288 0.18 -19.46 3.74
#